data_9EAD
#
_entry.id   9EAD
#
_cell.length_a   1.00
_cell.length_b   1.00
_cell.length_c   1.00
_cell.angle_alpha   90.00
_cell.angle_beta   90.00
_cell.angle_gamma   90.00
#
_symmetry.space_group_name_H-M   'P 1'
#
loop_
_entity.id
_entity.type
_entity.pdbx_description
1 polymer 'Capsid protein VP1'
2 polymer 'Capsid protein VP3'
3 polymer 'Capsid protein VP2'
4 non-polymer 'CALCIUM ION'
#
loop_
_entity_poly.entity_id
_entity_poly.type
_entity_poly.pdbx_seq_one_letter_code
_entity_poly.pdbx_strand_id
1 'polypeptide(L)'
;SNHTNVKFLFDRSRLLNVIKVLEKDAVFPRPFPTQEGAQQDDGYFCLLTPRPTVASRPATRFGLYANPSGSGVLANTSLD
FNFYSLACFTYFRSDLEVTVVSLEPDLEFAVGWFPSGSEYQASSFVYDQLHVPFHFTGRTPRAFASKGGKVSFVLPWNSV
SSVLPVRWGGASKLSSATRGLPAHADWGTIYAFVPRPNEKKSTAVKHVAVYIRYKNARAWCPSMLPFRSYK
;
A
2 'polypeptide(L)'
;GPIPTAPRENSLMFLSTLPDDTVPAYGNVRTPPVNYLPGEITDLLQLARIPTLMAFERVPEPVPASDTYVPYVAVPTQFD
DRPLISFPITLSDPVYQNTLVGAISSNFANYRGCIQITLTFCGPMMARGKFLLSYSPPNGTQPQTLSEAMQCTYSIWDIG
LNSSWTFVVPYISPSDYRETRAITNSVYSADGWFSLHKLTKITLPPDCPQSPCILFFASAGEDYTLRLPVDCNPSYVF
;
B
3 'polypeptide(L)'
;RWYTGRLNSWTKAVKTFSFQAVPLPGAFLSRQGGLNGGAFTATLHRHFLMKCGWQVQVQCNLTQFHQGALLVAMVPETTL
DVKPDGKAKSLQELNEEQWVEMSDDYRTGKNMPFQSLGTYYRPPNWTWGPNFINPYQVTVFPHQILNARTSTSVDINVPY
IGETPTQSSETQNSWTLLVMVLVPLDYKEGATTDPEITFSVRPTSPYFNGLRNRYTAG
;
C
#
loop_
_chem_comp.id
_chem_comp.type
_chem_comp.name
_chem_comp.formula
CA non-polymer 'CALCIUM ION' 'Ca 2'
#
# COMPACT_ATOMS: atom_id res chain seq x y z
N SER A 1 4.09 24.50 -12.10
CA SER A 1 4.93 23.56 -11.37
C SER A 1 4.89 22.18 -12.02
N ASN A 2 5.74 21.29 -11.52
CA ASN A 2 5.76 19.88 -11.93
C ASN A 2 5.64 19.02 -10.67
N HIS A 3 4.68 19.41 -9.82
CA HIS A 3 4.51 18.78 -8.51
C HIS A 3 4.68 17.27 -8.56
N THR A 4 4.20 16.62 -9.62
CA THR A 4 4.23 15.17 -9.69
C THR A 4 5.64 14.59 -9.57
N ASN A 5 6.67 15.43 -9.64
CA ASN A 5 8.03 14.95 -9.36
C ASN A 5 8.11 14.46 -7.93
N VAL A 6 8.21 13.14 -7.76
CA VAL A 6 8.19 12.57 -6.43
C VAL A 6 9.34 13.11 -5.58
N LYS A 7 10.54 13.16 -6.15
CA LYS A 7 11.70 13.63 -5.37
C LYS A 7 11.41 14.97 -4.72
N PHE A 8 10.83 15.90 -5.50
CA PHE A 8 10.44 17.19 -4.93
C PHE A 8 9.27 17.05 -3.97
N LEU A 9 8.38 16.10 -4.25
CA LEU A 9 7.07 16.07 -3.60
C LEU A 9 7.20 15.98 -2.07
N PHE A 10 7.95 15.00 -1.59
CA PHE A 10 7.89 14.64 -0.18
C PHE A 10 8.90 15.38 0.68
N ASP A 11 9.67 16.32 0.12
CA ASP A 11 10.74 16.96 0.86
C ASP A 11 10.15 18.08 1.73
N ARG A 12 9.40 17.65 2.74
CA ARG A 12 8.87 18.58 3.74
C ARG A 12 8.74 17.85 5.06
N SER A 13 8.75 18.62 6.14
CA SER A 13 8.81 18.06 7.49
C SER A 13 7.41 17.80 8.02
N ARG A 14 7.31 16.85 8.96
CA ARG A 14 6.05 16.58 9.64
C ARG A 14 6.33 15.91 10.97
N LEU A 15 5.36 16.01 11.87
CA LEU A 15 5.49 15.50 13.23
C LEU A 15 5.72 14.00 13.23
N LEU A 16 6.57 13.53 14.16
CA LEU A 16 6.68 12.09 14.39
C LEU A 16 5.80 11.67 15.56
N ASN A 17 6.10 12.18 16.76
CA ASN A 17 5.32 11.89 17.96
C ASN A 17 5.98 12.60 19.13
N VAL A 18 5.35 12.49 20.30
CA VAL A 18 5.89 13.07 21.52
C VAL A 18 6.72 12.03 22.28
N ILE A 19 7.56 12.52 23.19
CA ILE A 19 8.23 11.68 24.17
C ILE A 19 8.39 12.47 25.46
N LYS A 20 8.60 11.74 26.55
CA LYS A 20 8.78 12.37 27.85
C LYS A 20 10.21 12.86 28.02
N VAL A 21 10.36 13.93 28.80
CA VAL A 21 11.67 14.51 29.05
C VAL A 21 12.41 13.65 30.07
N LEU A 22 13.70 13.46 29.86
CA LEU A 22 14.53 12.64 30.72
C LEU A 22 15.18 13.48 31.81
N GLU A 23 15.45 12.83 32.94
CA GLU A 23 16.12 13.49 34.06
C GLU A 23 17.15 12.60 34.73
N LYS A 24 17.57 11.51 34.09
CA LYS A 24 18.54 10.60 34.67
C LYS A 24 18.86 9.53 33.63
N ASP A 25 19.87 8.72 33.95
CA ASP A 25 20.11 7.52 33.17
C ASP A 25 18.91 6.60 33.27
N ALA A 26 18.52 6.02 32.13
CA ALA A 26 17.24 5.34 32.01
C ALA A 26 17.43 3.85 31.74
N VAL A 27 16.44 3.07 32.16
CA VAL A 27 16.37 1.64 31.88
C VAL A 27 15.65 1.48 30.54
N PHE A 28 16.36 0.95 29.55
CA PHE A 28 15.75 0.72 28.25
C PHE A 28 14.64 -0.33 28.40
N PRO A 29 13.48 -0.15 27.77
CA PRO A 29 12.43 -1.16 27.88
C PRO A 29 12.91 -2.53 27.41
N ARG A 30 12.47 -3.56 28.14
CA ARG A 30 12.93 -4.91 27.89
C ARG A 30 12.23 -5.49 26.65
N PRO A 31 12.83 -6.51 26.03
CA PRO A 31 12.16 -7.17 24.91
C PRO A 31 10.88 -7.86 25.37
N PHE A 32 9.92 -7.94 24.46
CA PHE A 32 8.64 -8.55 24.76
C PHE A 32 8.77 -10.08 24.83
N PRO A 33 7.85 -10.74 25.54
CA PRO A 33 6.79 -10.15 26.36
C PRO A 33 7.37 -9.60 27.65
N THR A 34 6.72 -8.59 28.26
CA THR A 34 7.22 -7.97 29.48
C THR A 34 6.18 -8.11 30.57
N GLN A 35 6.65 -8.40 31.78
CA GLN A 35 5.78 -8.73 32.90
C GLN A 35 5.87 -7.65 33.97
N GLU A 36 4.78 -7.49 34.70
CA GLU A 36 4.73 -6.51 35.78
C GLU A 36 5.80 -6.82 36.81
N GLY A 37 6.42 -5.76 37.34
CA GLY A 37 7.53 -5.88 38.24
C GLY A 37 8.89 -5.71 37.57
N ALA A 38 8.95 -5.91 36.25
CA ALA A 38 10.18 -5.65 35.50
C ALA A 38 10.23 -4.18 35.13
N GLN A 39 10.33 -3.32 36.14
CA GLN A 39 10.19 -1.88 35.93
C GLN A 39 11.21 -1.38 34.92
N GLN A 40 10.74 -0.56 33.98
CA GLN A 40 11.58 -0.06 32.90
C GLN A 40 11.07 1.31 32.49
N ASP A 41 11.94 2.08 31.83
CA ASP A 41 11.64 3.47 31.52
C ASP A 41 11.06 3.62 30.12
N ASP A 42 9.75 3.42 30.00
CA ASP A 42 9.08 3.57 28.72
C ASP A 42 8.80 5.03 28.42
N GLY A 43 8.83 5.37 27.13
CA GLY A 43 8.37 6.66 26.67
C GLY A 43 9.41 7.76 26.56
N TYR A 44 10.69 7.40 26.42
CA TYR A 44 11.73 8.40 26.22
C TYR A 44 12.62 8.03 25.04
N PHE A 45 12.80 6.74 24.80
CA PHE A 45 13.62 6.27 23.68
C PHE A 45 12.87 6.47 22.38
N CYS A 46 13.14 7.56 21.68
CA CYS A 46 12.37 7.97 20.51
C CYS A 46 12.88 7.24 19.28
N LEU A 47 12.14 6.23 18.84
CA LEU A 47 12.48 5.54 17.61
C LEU A 47 12.34 6.49 16.42
N LEU A 48 13.00 6.15 15.32
CA LEU A 48 13.23 7.12 14.25
C LEU A 48 12.75 6.65 12.88
N THR A 49 11.51 6.16 12.79
CA THR A 49 10.92 5.86 11.50
C THR A 49 9.40 5.78 11.69
N PRO A 50 8.61 6.31 10.74
CA PRO A 50 7.15 6.37 10.96
C PRO A 50 6.44 5.04 10.81
N ARG A 51 7.19 3.96 10.70
CA ARG A 51 6.60 2.62 10.66
C ARG A 51 5.73 2.41 11.88
N PRO A 52 4.82 1.44 11.86
CA PRO A 52 4.15 1.04 13.10
C PRO A 52 5.19 0.60 14.12
N THR A 53 5.06 1.09 15.34
CA THR A 53 6.02 0.81 16.39
C THR A 53 5.30 0.74 17.72
N VAL A 54 5.99 0.19 18.72
CA VAL A 54 5.45 0.05 20.05
C VAL A 54 6.59 0.06 21.05
N ALA A 55 6.46 0.88 22.09
CA ALA A 55 7.40 0.90 23.21
C ALA A 55 8.84 0.91 22.73
N SER A 56 9.18 1.90 21.91
CA SER A 56 10.53 2.08 21.40
C SER A 56 11.01 0.87 20.60
N ARG A 57 10.10 0.03 20.14
CA ARG A 57 10.42 -1.12 19.33
C ARG A 57 9.42 -1.19 18.19
N PRO A 58 9.80 -1.77 17.06
CA PRO A 58 8.92 -1.77 15.89
C PRO A 58 7.63 -2.52 16.17
N ALA A 59 6.71 -2.44 15.21
CA ALA A 59 5.43 -3.12 15.29
C ALA A 59 4.96 -3.47 13.89
N THR A 60 4.07 -4.46 13.80
CA THR A 60 3.54 -4.92 12.52
C THR A 60 2.07 -4.55 12.37
N ARG A 61 1.21 -4.95 13.31
CA ARG A 61 -0.17 -4.52 13.27
C ARG A 61 -0.30 -3.10 13.80
N PHE A 62 -1.52 -2.57 13.76
CA PHE A 62 -1.85 -1.32 14.40
C PHE A 62 -2.98 -1.54 15.40
N GLY A 63 -2.66 -1.36 16.68
CA GLY A 63 -3.68 -1.36 17.72
C GLY A 63 -3.43 -0.19 18.63
N LEU A 64 -4.53 0.37 19.14
CA LEU A 64 -4.44 1.58 19.94
C LEU A 64 -5.43 1.47 21.09
N TYR A 65 -5.19 2.29 22.12
CA TYR A 65 -5.99 2.27 23.34
C TYR A 65 -7.22 3.17 23.15
N ALA A 66 -8.19 2.64 22.40
CA ALA A 66 -9.44 3.36 22.21
C ALA A 66 -10.17 3.58 23.51
N ASN A 67 -9.86 2.82 24.56
CA ASN A 67 -10.50 2.95 25.85
C ASN A 67 -9.56 3.66 26.82
N PRO A 68 -10.08 4.47 27.74
CA PRO A 68 -9.19 5.27 28.59
C PRO A 68 -8.63 4.54 29.81
N SER A 69 -9.11 3.34 30.12
CA SER A 69 -8.72 2.67 31.35
C SER A 69 -8.49 1.19 31.07
N GLY A 70 -7.73 0.57 31.96
CA GLY A 70 -7.45 -0.84 31.86
C GLY A 70 -6.23 -1.20 32.70
N SER A 71 -5.82 -2.46 32.56
CA SER A 71 -4.67 -2.96 33.30
C SER A 71 -3.40 -2.86 32.46
N GLY A 72 -2.29 -2.58 33.13
CA GLY A 72 -1.01 -2.51 32.46
C GLY A 72 -0.63 -1.09 32.08
N VAL A 73 0.48 -1.00 31.35
CA VAL A 73 1.08 0.27 30.95
C VAL A 73 0.64 0.59 29.53
N LEU A 74 0.43 1.87 29.25
CA LEU A 74 0.06 2.32 27.91
C LEU A 74 1.32 2.53 27.08
N ALA A 75 1.44 1.81 25.97
CA ALA A 75 2.55 2.00 25.06
C ALA A 75 2.24 3.16 24.11
N ASN A 76 3.17 3.43 23.19
CA ASN A 76 3.01 4.48 22.21
C ASN A 76 3.53 3.98 20.87
N THR A 77 2.97 4.55 19.79
CA THR A 77 3.29 4.12 18.43
C THR A 77 3.56 5.36 17.59
N SER A 78 3.67 5.18 16.28
CA SER A 78 3.98 6.28 15.38
C SER A 78 3.61 5.90 13.96
N LEU A 79 2.82 6.77 13.32
CA LEU A 79 2.47 6.59 11.92
C LEU A 79 2.48 7.93 11.18
N ASP A 80 3.11 7.97 10.01
CA ASP A 80 3.10 9.17 9.17
C ASP A 80 1.93 9.06 8.21
N PHE A 81 0.82 9.69 8.57
CA PHE A 81 -0.42 9.50 7.82
C PHE A 81 -0.28 9.99 6.39
N ASN A 82 0.30 11.18 6.19
CA ASN A 82 0.39 11.75 4.85
C ASN A 82 1.18 10.83 3.93
N PHE A 83 2.43 10.55 4.29
CA PHE A 83 3.27 9.75 3.41
C PHE A 83 2.73 8.34 3.25
N TYR A 84 2.21 7.76 4.33
CA TYR A 84 1.73 6.38 4.24
C TYR A 84 0.46 6.27 3.41
N SER A 85 -0.37 7.32 3.39
CA SER A 85 -1.50 7.36 2.49
C SER A 85 -1.10 7.68 1.06
N LEU A 86 0.06 8.33 0.87
CA LEU A 86 0.56 8.63 -0.46
C LEU A 86 1.56 7.61 -0.98
N ALA A 87 1.85 6.55 -0.24
CA ALA A 87 2.93 5.63 -0.58
C ALA A 87 2.44 4.47 -1.43
N CYS A 88 2.15 4.74 -2.70
CA CYS A 88 1.72 3.68 -3.61
C CYS A 88 2.89 3.09 -4.38
N PHE A 89 3.94 2.68 -3.66
CA PHE A 89 5.11 2.09 -4.28
C PHE A 89 5.75 1.12 -3.30
N THR A 90 6.78 0.42 -3.77
CA THR A 90 7.24 -0.80 -3.13
C THR A 90 8.54 -0.65 -2.35
N TYR A 91 9.61 -0.13 -2.97
CA TYR A 91 10.88 0.02 -2.30
C TYR A 91 11.24 1.50 -2.23
N PHE A 92 12.16 1.81 -1.32
CA PHE A 92 12.43 3.20 -0.99
C PHE A 92 13.85 3.36 -0.46
N ARG A 93 14.39 4.56 -0.62
CA ARG A 93 15.64 4.96 0.03
C ARG A 93 15.75 6.47 -0.05
N SER A 94 16.27 7.07 1.02
CA SER A 94 16.40 8.52 1.09
C SER A 94 17.19 8.89 2.33
N ASP A 95 17.42 10.19 2.49
CA ASP A 95 17.96 10.75 3.71
C ASP A 95 16.83 11.38 4.52
N LEU A 96 17.15 11.87 5.72
CA LEU A 96 16.12 12.26 6.67
C LEU A 96 16.53 13.55 7.38
N GLU A 97 15.72 14.59 7.20
CA GLU A 97 15.86 15.84 7.92
C GLU A 97 14.87 15.89 9.08
N VAL A 98 15.32 16.44 10.20
CA VAL A 98 14.54 16.42 11.44
C VAL A 98 14.85 17.68 12.24
N THR A 99 13.89 18.10 13.07
CA THR A 99 14.05 19.30 13.87
C THR A 99 13.29 19.12 15.18
N VAL A 100 13.79 19.78 16.23
CA VAL A 100 13.23 19.62 17.56
C VAL A 100 11.98 20.48 17.72
N VAL A 101 11.03 19.99 18.51
CA VAL A 101 9.83 20.75 18.85
C VAL A 101 9.49 20.54 20.31
N SER A 102 9.86 21.51 21.16
CA SER A 102 9.55 21.41 22.57
C SER A 102 8.09 21.74 22.84
N LEU A 103 7.46 20.94 23.68
CA LEU A 103 6.08 21.21 24.08
C LEU A 103 5.99 22.15 25.27
N GLU A 104 6.90 22.02 26.23
CA GLU A 104 6.87 22.90 27.38
C GLU A 104 7.49 24.26 27.02
N PRO A 105 6.78 25.36 27.27
CA PRO A 105 7.40 26.67 27.07
C PRO A 105 8.54 26.89 28.05
N ASP A 106 9.52 27.69 27.62
CA ASP A 106 10.61 28.14 28.48
C ASP A 106 11.49 26.99 28.96
N LEU A 107 11.80 26.05 28.07
CA LEU A 107 12.50 24.84 28.48
C LEU A 107 14.00 24.92 28.20
N GLU A 108 14.78 24.35 29.11
CA GLU A 108 16.21 24.13 28.92
C GLU A 108 16.42 22.62 28.85
N PHE A 109 17.07 22.16 27.78
CA PHE A 109 17.16 20.72 27.53
C PHE A 109 18.42 20.39 26.76
N ALA A 110 18.77 19.12 26.78
CA ALA A 110 19.84 18.57 25.97
C ALA A 110 19.36 17.26 25.36
N VAL A 111 19.86 16.95 24.16
CA VAL A 111 19.39 15.82 23.39
C VAL A 111 20.58 15.04 22.86
N GLY A 112 20.34 13.76 22.56
CA GLY A 112 21.34 12.89 21.99
C GLY A 112 20.72 11.89 21.03
N TRP A 113 21.57 11.04 20.47
CA TRP A 113 21.19 10.16 19.38
C TRP A 113 22.12 8.97 19.31
N PHE A 114 21.63 7.88 18.73
CA PHE A 114 22.47 6.78 18.30
C PHE A 114 21.79 6.09 17.13
N PRO A 115 22.57 5.46 16.25
CA PRO A 115 22.04 5.07 14.93
C PRO A 115 21.15 3.84 14.99
N SER A 116 20.72 3.43 13.80
CA SER A 116 19.88 2.27 13.64
C SER A 116 20.52 1.04 14.27
N GLY A 117 19.73 0.28 15.01
CA GLY A 117 20.21 -0.93 15.65
C GLY A 117 21.31 -0.71 16.67
N SER A 118 21.63 0.53 17.00
CA SER A 118 22.71 0.82 17.95
C SER A 118 22.19 0.58 19.37
N GLU A 119 22.82 -0.36 20.07
CA GLU A 119 22.39 -0.69 21.42
C GLU A 119 22.69 0.46 22.37
N TYR A 120 21.93 0.52 23.47
CA TYR A 120 22.05 1.62 24.42
C TYR A 120 22.65 1.16 25.74
N GLN A 121 23.51 2.00 26.30
CA GLN A 121 24.03 1.79 27.64
C GLN A 121 24.64 3.11 28.13
N ALA A 122 24.12 3.61 29.25
CA ALA A 122 24.63 4.87 29.80
C ALA A 122 25.27 4.69 31.16
N SER A 123 24.51 4.21 32.15
CA SER A 123 24.97 4.25 33.53
C SER A 123 25.29 5.68 33.93
N SER A 124 25.78 5.89 35.15
CA SER A 124 26.10 7.23 35.63
C SER A 124 27.24 7.16 36.64
N PHE A 125 27.91 8.29 36.82
CA PHE A 125 29.02 8.41 37.74
C PHE A 125 28.86 9.67 38.58
N VAL A 126 29.33 9.60 39.82
CA VAL A 126 29.13 10.68 40.78
C VAL A 126 30.25 11.71 40.65
N TYR A 127 29.92 12.89 40.14
CA TYR A 127 30.83 14.04 40.16
C TYR A 127 30.57 14.84 41.43
N ASP A 128 31.38 14.61 42.46
CA ASP A 128 31.22 15.35 43.70
C ASP A 128 29.80 15.24 44.22
N GLN A 129 29.39 14.03 44.58
CA GLN A 129 28.06 13.79 45.14
C GLN A 129 26.96 13.97 44.11
N LEU A 130 27.33 14.15 42.85
CA LEU A 130 26.37 14.38 41.78
C LEU A 130 26.59 13.36 40.67
N HIS A 131 25.59 12.52 40.42
CA HIS A 131 25.68 11.53 39.36
C HIS A 131 25.75 12.23 38.00
N VAL A 132 26.59 11.68 37.13
CA VAL A 132 26.71 12.17 35.76
C VAL A 132 26.44 11.01 34.82
N PRO A 133 25.21 10.84 34.34
CA PRO A 133 24.96 9.82 33.32
C PRO A 133 26.01 9.87 32.22
N PHE A 134 26.60 8.71 31.92
CA PHE A 134 27.71 8.68 30.96
C PHE A 134 27.29 9.30 29.64
N HIS A 135 26.01 9.18 29.27
CA HIS A 135 25.56 9.66 27.99
C HIS A 135 25.76 11.16 27.80
N PHE A 136 25.99 11.89 28.90
CA PHE A 136 26.29 13.31 28.77
C PHE A 136 27.42 13.56 27.78
N THR A 137 28.33 12.60 27.63
CA THR A 137 29.29 12.56 26.53
C THR A 137 29.30 11.14 25.98
N GLY A 138 29.78 10.97 24.76
CA GLY A 138 29.82 9.64 24.18
C GLY A 138 30.11 9.69 22.69
N ARG A 139 29.64 8.64 22.01
CA ARG A 139 29.99 8.41 20.62
C ARG A 139 29.28 9.35 19.66
N THR A 140 28.17 9.94 20.06
CA THR A 140 27.25 10.58 19.13
C THR A 140 27.09 12.06 19.48
N PRO A 141 26.63 12.88 18.53
CA PRO A 141 26.52 14.31 18.77
C PRO A 141 25.50 14.65 19.85
N ARG A 142 25.45 15.94 20.17
CA ARG A 142 24.45 16.47 21.09
C ARG A 142 24.18 17.93 20.72
N ALA A 143 23.03 18.42 21.16
CA ALA A 143 22.62 19.79 20.91
C ALA A 143 21.78 20.26 22.09
N PHE A 144 21.64 21.57 22.21
CA PHE A 144 21.13 22.17 23.43
C PHE A 144 20.19 23.32 23.10
N ALA A 145 19.36 23.65 24.09
CA ALA A 145 18.36 24.69 23.91
C ALA A 145 18.88 26.04 24.36
N SER A 146 18.62 27.07 23.56
CA SER A 146 18.86 28.45 23.97
C SER A 146 17.74 28.97 24.87
N LYS A 147 17.49 28.27 25.98
CA LYS A 147 16.24 28.48 26.71
C LYS A 147 15.12 28.32 25.71
N GLY A 148 15.05 27.15 25.09
CA GLY A 148 14.22 26.95 23.91
C GLY A 148 15.03 27.14 22.65
N GLY A 149 14.86 26.26 21.67
CA GLY A 149 15.63 26.34 20.44
C GLY A 149 15.20 25.33 19.40
N LYS A 150 15.26 25.72 18.13
CA LYS A 150 14.88 24.84 17.02
C LYS A 150 16.11 24.10 16.49
N VAL A 151 16.52 23.08 17.23
CA VAL A 151 17.65 22.27 16.82
C VAL A 151 17.26 21.45 15.59
N SER A 152 18.11 21.50 14.56
CA SER A 152 17.83 20.83 13.31
C SER A 152 19.07 20.09 12.84
N PHE A 153 18.87 19.11 11.98
CA PHE A 153 19.94 18.20 11.56
C PHE A 153 19.39 17.24 10.51
N VAL A 154 20.30 16.48 9.92
CA VAL A 154 19.96 15.49 8.89
C VAL A 154 20.84 14.27 9.08
N LEU A 155 20.34 13.12 8.64
CA LEU A 155 21.09 11.88 8.68
C LEU A 155 20.94 11.11 7.39
N PRO A 156 21.94 10.32 7.01
CA PRO A 156 21.88 9.56 5.76
C PRO A 156 21.37 8.15 5.95
N TRP A 157 21.22 7.45 4.82
CA TRP A 157 20.97 6.02 4.85
C TRP A 157 22.13 5.30 5.52
N ASN A 158 21.80 4.30 6.34
CA ASN A 158 22.80 3.70 7.23
C ASN A 158 22.77 2.18 7.20
N SER A 159 21.63 1.59 6.82
CA SER A 159 21.46 0.16 6.97
C SER A 159 22.36 -0.59 5.99
N VAL A 160 22.76 -1.80 6.39
CA VAL A 160 23.47 -2.70 5.49
C VAL A 160 22.58 -3.04 4.31
N SER A 161 21.27 -3.00 4.50
CA SER A 161 20.34 -3.30 3.42
C SER A 161 20.48 -2.27 2.30
N SER A 162 20.33 -2.74 1.06
CA SER A 162 20.46 -1.84 -0.08
C SER A 162 19.36 -0.78 -0.09
N VAL A 163 18.13 -1.16 0.26
CA VAL A 163 17.00 -0.25 0.14
C VAL A 163 16.01 -0.47 1.28
N LEU A 164 14.99 0.40 1.34
CA LEU A 164 13.91 0.28 2.31
C LEU A 164 12.66 -0.27 1.63
N PRO A 165 12.16 -1.43 2.04
CA PRO A 165 10.89 -1.92 1.48
C PRO A 165 9.72 -1.13 2.04
N VAL A 166 8.91 -0.58 1.15
CA VAL A 166 7.75 0.20 1.59
C VAL A 166 6.79 -0.67 2.40
N ARG A 167 6.42 -1.84 1.87
CA ARG A 167 5.73 -2.84 2.65
C ARG A 167 6.37 -4.19 2.35
N TRP A 168 6.29 -5.09 3.33
CA TRP A 168 7.25 -6.19 3.40
C TRP A 168 6.51 -7.50 3.56
N GLY A 169 7.15 -8.58 3.10
CA GLY A 169 6.55 -9.90 3.13
C GLY A 169 7.52 -11.00 3.47
N GLY A 170 8.73 -10.63 3.90
CA GLY A 170 9.71 -11.62 4.30
C GLY A 170 9.47 -12.10 5.73
N ALA A 171 10.52 -12.69 6.29
CA ALA A 171 10.49 -13.18 7.67
C ALA A 171 11.67 -12.60 8.43
N SER A 172 11.43 -12.18 9.67
CA SER A 172 12.44 -11.40 10.40
C SER A 172 13.63 -12.24 10.82
N LYS A 173 13.40 -13.43 11.39
CA LYS A 173 14.46 -14.17 12.05
C LYS A 173 14.38 -15.64 11.65
N LEU A 174 15.46 -16.36 11.92
CA LEU A 174 15.45 -17.82 11.77
C LEU A 174 14.56 -18.50 12.79
N SER A 175 14.37 -17.90 13.95
CA SER A 175 13.42 -18.39 14.94
C SER A 175 12.54 -17.22 15.36
N SER A 176 11.28 -17.52 15.67
CA SER A 176 10.28 -16.48 15.88
C SER A 176 10.24 -15.55 14.66
N ALA A 177 10.14 -16.15 13.48
CA ALA A 177 10.31 -15.42 12.23
C ALA A 177 9.11 -14.54 11.97
N THR A 178 9.15 -13.30 12.44
CA THR A 178 8.03 -12.38 12.35
C THR A 178 7.93 -11.88 10.90
N ARG A 179 6.85 -12.24 10.23
CA ARG A 179 6.60 -11.72 8.90
C ARG A 179 6.19 -10.25 8.98
N GLY A 180 6.53 -9.50 7.94
CA GLY A 180 6.20 -8.10 7.89
C GLY A 180 7.08 -7.21 8.75
N LEU A 181 8.18 -7.74 9.29
CA LEU A 181 9.07 -6.95 10.13
C LEU A 181 10.47 -6.87 9.53
N PRO A 182 10.73 -5.93 8.64
CA PRO A 182 12.12 -5.64 8.27
C PRO A 182 12.78 -4.77 9.34
N ALA A 183 13.69 -5.37 10.12
CA ALA A 183 14.21 -4.69 11.29
C ALA A 183 15.10 -3.52 10.92
N HIS A 184 16.02 -3.71 9.98
CA HIS A 184 17.06 -2.72 9.69
C HIS A 184 16.60 -1.69 8.68
N ALA A 185 15.53 -0.96 9.01
CA ALA A 185 14.93 0.00 8.10
C ALA A 185 14.59 1.30 8.85
N ASP A 186 15.49 1.78 9.68
CA ASP A 186 15.27 3.04 10.38
C ASP A 186 16.63 3.72 10.60
N TRP A 187 16.64 4.74 11.45
CA TRP A 187 17.84 5.54 11.68
C TRP A 187 18.32 5.51 13.12
N GLY A 188 17.62 4.80 14.02
CA GLY A 188 18.07 4.68 15.39
C GLY A 188 17.09 5.27 16.40
N THR A 189 17.62 5.99 17.38
CA THR A 189 16.81 6.57 18.44
C THR A 189 17.54 7.77 19.02
N ILE A 190 16.74 8.74 19.49
CA ILE A 190 17.25 9.92 20.15
C ILE A 190 16.71 9.94 21.57
N TYR A 191 17.09 10.99 22.30
CA TYR A 191 16.68 11.11 23.70
C TYR A 191 16.96 12.52 24.17
N ALA A 192 15.97 13.15 24.79
CA ALA A 192 16.09 14.51 25.31
C ALA A 192 16.14 14.46 26.83
N PHE A 193 17.06 15.21 27.41
CA PHE A 193 17.30 15.18 28.84
C PHE A 193 17.65 16.57 29.33
N VAL A 194 17.35 16.81 30.60
CA VAL A 194 17.72 18.09 31.22
C VAL A 194 19.22 18.11 31.46
N PRO A 195 19.90 19.26 31.31
CA PRO A 195 21.33 19.35 31.64
C PRO A 195 21.60 19.49 33.13
N ARG A 196 20.97 18.63 33.93
CA ARG A 196 21.11 18.64 35.37
C ARG A 196 21.48 17.25 35.87
N PRO A 197 22.09 17.16 37.06
CA PRO A 197 22.44 15.85 37.60
C PRO A 197 21.20 15.10 38.07
N ASN A 198 21.37 13.79 38.28
CA ASN A 198 20.26 12.95 38.70
C ASN A 198 19.69 13.46 40.03
N GLU A 199 20.55 13.97 40.90
CA GLU A 199 20.06 14.53 42.16
C GLU A 199 19.08 15.66 41.95
N LYS A 200 19.24 16.42 40.87
CA LYS A 200 18.35 17.53 40.57
C LYS A 200 17.02 17.09 39.96
N LYS A 201 16.69 15.80 40.02
CA LYS A 201 15.44 15.33 39.47
C LYS A 201 14.27 16.08 40.11
N SER A 202 13.35 16.56 39.27
CA SER A 202 12.33 17.49 39.69
C SER A 202 10.96 16.85 39.65
N THR A 203 10.02 17.46 40.37
CA THR A 203 8.64 17.00 40.35
C THR A 203 7.92 17.39 39.07
N ALA A 204 8.33 18.50 38.45
CA ALA A 204 7.65 18.99 37.26
C ALA A 204 7.74 17.96 36.13
N VAL A 205 6.78 18.04 35.22
CA VAL A 205 6.66 17.10 34.11
C VAL A 205 6.77 17.87 32.81
N LYS A 206 7.52 17.30 31.86
CA LYS A 206 7.82 17.98 30.61
C LYS A 206 7.74 17.00 29.46
N HIS A 207 7.51 17.54 28.26
CA HIS A 207 7.32 16.74 27.07
C HIS A 207 7.86 17.49 25.86
N VAL A 208 8.21 16.74 24.82
CA VAL A 208 8.82 17.29 23.61
C VAL A 208 8.40 16.45 22.43
N ALA A 209 8.23 17.10 21.27
CA ALA A 209 7.88 16.43 20.04
C ALA A 209 8.90 16.79 18.97
N VAL A 210 8.72 16.25 17.77
CA VAL A 210 9.71 16.37 16.71
C VAL A 210 9.02 16.32 15.36
N TYR A 211 9.63 16.98 14.37
CA TYR A 211 9.17 16.96 12.99
C TYR A 211 10.25 16.37 12.10
N ILE A 212 9.83 15.66 11.07
CA ILE A 212 10.74 14.87 10.23
C ILE A 212 10.43 15.11 8.76
N ARG A 213 11.49 15.19 7.96
CA ARG A 213 11.39 15.54 6.55
C ARG A 213 12.22 14.56 5.73
N TYR A 214 11.70 14.20 4.55
CA TYR A 214 12.41 13.27 3.67
C TYR A 214 13.30 14.03 2.71
N LYS A 215 14.49 13.49 2.46
CA LYS A 215 15.51 14.16 1.66
C LYS A 215 16.03 13.24 0.58
N ASN A 216 16.00 13.73 -0.67
CA ASN A 216 16.65 13.07 -1.80
C ASN A 216 16.34 11.57 -1.83
N ALA A 217 15.07 11.25 -2.08
CA ALA A 217 14.61 9.88 -1.99
C ALA A 217 14.67 9.19 -3.35
N ARG A 218 14.36 7.89 -3.33
CA ARG A 218 14.29 7.07 -4.53
C ARG A 218 13.24 5.99 -4.31
N ALA A 219 12.43 5.75 -5.34
CA ALA A 219 11.26 4.88 -5.20
C ALA A 219 11.19 3.90 -6.36
N TRP A 220 10.55 2.76 -6.10
CA TRP A 220 10.48 1.69 -7.08
C TRP A 220 9.13 0.99 -7.01
N CYS A 221 8.64 0.58 -8.19
CA CYS A 221 7.53 -0.37 -8.35
C CYS A 221 6.23 0.14 -7.73
N PRO A 222 5.09 -0.33 -8.21
CA PRO A 222 3.80 0.16 -7.67
C PRO A 222 3.51 -0.44 -6.30
N SER A 223 2.41 0.04 -5.71
CA SER A 223 1.87 -0.55 -4.50
C SER A 223 0.49 0.05 -4.25
N MET A 224 -0.35 -0.70 -3.54
CA MET A 224 -1.73 -0.28 -3.33
C MET A 224 -1.80 0.83 -2.28
N LEU A 225 -3.00 1.39 -2.15
CA LEU A 225 -3.30 2.45 -1.19
C LEU A 225 -4.69 2.18 -0.61
N PRO A 226 -4.96 2.74 0.58
CA PRO A 226 -6.14 2.29 1.33
C PRO A 226 -7.45 2.55 0.61
N PHE A 227 -8.40 1.65 0.80
CA PHE A 227 -9.77 1.86 0.37
C PHE A 227 -10.55 2.65 1.41
N ARG A 228 -11.66 3.22 0.99
CA ARG A 228 -12.50 4.04 1.86
C ARG A 228 -13.87 3.39 2.01
N SER A 229 -14.35 3.28 3.25
CA SER A 229 -15.67 2.76 3.51
C SER A 229 -16.73 3.75 3.03
N TYR A 230 -17.71 3.26 2.26
CA TYR A 230 -18.72 4.12 1.67
C TYR A 230 -19.91 4.22 2.61
N LYS A 231 -19.80 5.13 3.58
CA LYS A 231 -20.88 5.42 4.51
C LYS A 231 -20.78 6.87 4.98
N GLY B 1 33.64 38.89 11.01
CA GLY B 1 32.27 38.34 11.22
C GLY B 1 31.28 39.40 11.67
N PRO B 2 31.41 39.86 12.91
CA PRO B 2 30.48 40.88 13.41
C PRO B 2 30.37 42.07 12.48
N ILE B 3 29.21 42.22 11.86
CA ILE B 3 28.96 43.26 10.86
C ILE B 3 27.47 43.57 10.85
N PRO B 4 27.10 44.81 10.52
CA PRO B 4 25.68 45.11 10.34
C PRO B 4 25.03 44.23 9.29
N THR B 5 23.83 43.73 9.60
CA THR B 5 23.16 42.77 8.75
C THR B 5 21.66 43.05 8.74
N ALA B 6 20.92 42.17 8.06
CA ALA B 6 19.48 42.31 7.93
C ALA B 6 18.77 41.24 8.76
N PRO B 7 18.03 41.61 9.80
CA PRO B 7 17.20 40.62 10.51
C PRO B 7 15.87 40.41 9.80
N ARG B 8 15.08 39.49 10.35
CA ARG B 8 13.73 39.23 9.87
C ARG B 8 12.76 39.16 11.04
N GLU B 9 11.52 39.52 10.77
CA GLU B 9 10.48 39.48 11.80
C GLU B 9 10.25 38.07 12.33
N ASN B 10 10.68 37.05 11.59
CA ASN B 10 10.42 35.66 11.98
C ASN B 10 11.66 34.79 11.78
N SER B 11 12.83 35.28 12.17
CA SER B 11 14.07 34.55 11.95
C SER B 11 14.03 33.19 12.65
N LEU B 12 14.49 32.16 11.93
CA LEU B 12 14.63 30.81 12.45
C LEU B 12 13.28 30.15 12.71
N MET B 13 12.18 30.85 12.45
CA MET B 13 10.88 30.26 12.66
C MET B 13 10.74 28.99 11.82
N PHE B 14 9.68 28.23 12.09
CA PHE B 14 9.39 27.03 11.32
C PHE B 14 8.05 27.16 10.62
N LEU B 15 8.07 27.07 9.31
CA LEU B 15 6.86 26.89 8.52
C LEU B 15 6.95 25.57 7.77
N SER B 16 5.81 24.92 7.58
CA SER B 16 5.81 23.56 7.03
C SER B 16 6.51 23.50 5.68
N THR B 17 6.56 24.62 4.96
CA THR B 17 7.15 24.67 3.63
C THR B 17 8.51 25.37 3.62
N LEU B 18 9.34 25.16 4.64
CA LEU B 18 10.66 25.77 4.64
C LEU B 18 11.45 25.27 3.43
N PRO B 19 12.10 26.16 2.67
CA PRO B 19 12.62 25.76 1.36
C PRO B 19 14.04 25.22 1.35
N ASP B 20 14.80 25.45 2.41
CA ASP B 20 16.22 25.13 2.39
C ASP B 20 16.56 24.18 3.53
N ASP B 21 17.80 23.72 3.53
CA ASP B 21 18.28 22.69 4.45
C ASP B 21 19.16 23.29 5.55
N THR B 22 19.68 22.41 6.41
CA THR B 22 20.41 22.81 7.61
C THR B 22 21.74 22.08 7.69
N VAL B 23 22.38 22.19 8.86
CA VAL B 23 23.70 21.61 9.08
C VAL B 23 23.67 20.10 8.86
N PRO B 24 24.69 19.51 8.26
CA PRO B 24 24.75 18.04 8.16
C PRO B 24 25.33 17.42 9.42
N ALA B 25 25.31 16.08 9.44
CA ALA B 25 25.77 15.35 10.62
C ALA B 25 27.23 14.92 10.49
N TYR B 26 27.53 14.10 9.48
CA TYR B 26 28.83 13.46 9.38
C TYR B 26 29.26 13.36 7.93
N GLY B 27 30.56 13.15 7.73
CA GLY B 27 31.10 12.76 6.44
C GLY B 27 31.31 11.27 6.39
N ASN B 28 32.23 10.86 5.50
CA ASN B 28 32.62 9.46 5.35
C ASN B 28 31.44 8.55 5.02
N VAL B 29 30.34 9.11 4.53
CA VAL B 29 29.14 8.33 4.30
C VAL B 29 29.25 7.61 2.95
N ARG B 30 28.89 6.33 2.95
CA ARG B 30 28.86 5.52 1.73
C ARG B 30 27.54 4.78 1.64
N THR B 31 27.04 4.64 0.42
CA THR B 31 25.79 3.96 0.17
C THR B 31 25.97 2.92 -0.93
N PRO B 32 25.17 1.85 -0.92
CA PRO B 32 25.35 0.78 -1.91
C PRO B 32 24.68 1.13 -3.21
N PRO B 33 25.06 0.46 -4.31
CA PRO B 33 24.42 0.71 -5.61
C PRO B 33 23.05 0.05 -5.69
N VAL B 34 22.05 0.80 -6.14
CA VAL B 34 20.72 0.25 -6.37
C VAL B 34 20.57 -0.34 -7.76
N ASN B 35 21.66 -0.44 -8.51
CA ASN B 35 21.57 -0.79 -9.92
C ASN B 35 20.90 -2.14 -10.13
N TYR B 36 21.01 -3.06 -9.18
CA TYR B 36 20.42 -4.38 -9.35
C TYR B 36 18.89 -4.35 -9.27
N LEU B 37 18.30 -3.23 -8.85
CA LEU B 37 16.86 -3.21 -8.69
C LEU B 37 16.19 -2.68 -9.95
N PRO B 38 14.96 -3.13 -10.24
CA PRO B 38 14.32 -2.78 -11.51
C PRO B 38 13.54 -1.47 -11.50
N GLY B 39 13.95 -0.52 -12.33
CA GLY B 39 13.07 0.57 -12.73
C GLY B 39 12.63 1.53 -11.65
N GLU B 40 13.54 2.35 -11.14
CA GLU B 40 13.13 3.43 -10.25
C GLU B 40 12.06 4.28 -10.92
N ILE B 41 11.00 4.56 -10.19
CA ILE B 41 9.82 5.27 -10.71
C ILE B 41 9.90 6.70 -10.23
N THR B 42 9.64 7.65 -11.12
CA THR B 42 9.91 9.05 -10.86
C THR B 42 8.67 9.90 -10.67
N ASP B 43 7.60 9.65 -11.43
CA ASP B 43 6.48 10.57 -11.46
C ASP B 43 5.16 9.82 -11.43
N LEU B 44 4.14 10.47 -10.86
CA LEU B 44 2.81 9.87 -10.76
C LEU B 44 2.19 9.69 -12.14
N LEU B 45 2.34 10.69 -13.01
CA LEU B 45 1.69 10.63 -14.32
C LEU B 45 2.14 9.40 -15.10
N GLN B 46 3.31 8.86 -14.77
CA GLN B 46 3.77 7.64 -15.42
C GLN B 46 2.77 6.51 -15.22
N LEU B 47 2.25 6.37 -14.01
CA LEU B 47 1.38 5.25 -13.67
C LEU B 47 -0.10 5.62 -13.73
N ALA B 48 -0.44 6.90 -13.60
CA ALA B 48 -1.83 7.30 -13.47
C ALA B 48 -2.67 6.88 -14.68
N ARG B 49 -2.04 6.64 -15.82
CA ARG B 49 -2.78 6.36 -17.05
C ARG B 49 -3.12 4.89 -17.22
N ILE B 50 -2.75 4.04 -16.27
CA ILE B 50 -3.11 2.62 -16.36
C ILE B 50 -4.59 2.46 -16.07
N PRO B 51 -5.37 1.78 -16.94
CA PRO B 51 -6.82 1.65 -16.70
C PRO B 51 -7.13 1.12 -15.32
N THR B 52 -8.00 1.83 -14.60
CA THR B 52 -8.39 1.40 -13.27
C THR B 52 -9.86 1.00 -13.24
N LEU B 53 -10.21 0.20 -12.25
CA LEU B 53 -11.57 -0.28 -12.11
C LEU B 53 -12.46 0.80 -11.49
N MET B 54 -13.70 0.88 -11.98
CA MET B 54 -14.71 1.76 -11.42
C MET B 54 -15.51 0.99 -10.38
N ALA B 55 -16.45 1.66 -9.73
CA ALA B 55 -17.13 1.08 -8.56
C ALA B 55 -18.63 1.29 -8.65
N PHE B 56 -19.22 0.97 -9.79
CA PHE B 56 -20.66 1.16 -9.95
C PHE B 56 -21.43 0.25 -9.01
N GLU B 57 -22.51 0.77 -8.45
CA GLU B 57 -23.34 0.00 -7.53
C GLU B 57 -23.84 -1.26 -8.22
N ARG B 58 -24.08 -2.29 -7.41
CA ARG B 58 -24.79 -3.47 -7.89
C ARG B 58 -26.28 -3.23 -7.65
N VAL B 59 -27.06 -3.26 -8.73
CA VAL B 59 -28.44 -2.80 -8.75
C VAL B 59 -29.22 -3.56 -7.68
N PRO B 60 -29.93 -2.86 -6.76
CA PRO B 60 -30.25 -3.44 -5.43
C PRO B 60 -29.85 -4.88 -5.20
N GLU B 61 -28.55 -5.11 -5.09
CA GLU B 61 -28.06 -6.43 -4.72
C GLU B 61 -28.64 -6.82 -3.36
N PRO B 62 -29.30 -7.98 -3.24
CA PRO B 62 -29.92 -8.36 -1.97
C PRO B 62 -29.03 -9.15 -1.01
N VAL B 63 -27.74 -9.29 -1.31
CA VAL B 63 -26.85 -10.07 -0.44
C VAL B 63 -26.75 -9.39 0.92
N PRO B 64 -26.57 -10.12 2.02
CA PRO B 64 -26.34 -9.45 3.32
C PRO B 64 -25.16 -8.52 3.31
N ALA B 65 -24.18 -8.74 2.43
CA ALA B 65 -23.14 -7.73 2.20
C ALA B 65 -23.71 -6.49 1.52
N SER B 66 -24.94 -6.56 1.03
CA SER B 66 -25.66 -5.39 0.53
C SER B 66 -25.10 -4.89 -0.78
N ASP B 67 -24.60 -3.66 -0.81
CA ASP B 67 -24.12 -3.06 -2.04
C ASP B 67 -22.88 -3.79 -2.53
N THR B 68 -22.66 -3.71 -3.84
CA THR B 68 -21.37 -4.10 -4.41
C THR B 68 -21.04 -3.02 -5.45
N TYR B 69 -20.39 -1.96 -4.97
CA TYR B 69 -19.97 -0.87 -5.83
C TYR B 69 -18.80 -1.34 -6.66
N VAL B 70 -19.09 -1.75 -7.89
CA VAL B 70 -18.23 -2.67 -8.62
C VAL B 70 -18.11 -2.13 -10.04
N PRO B 71 -17.01 -2.38 -10.76
CA PRO B 71 -16.85 -1.74 -12.08
C PRO B 71 -17.78 -2.27 -13.17
N TYR B 72 -18.58 -3.29 -12.90
CA TYR B 72 -19.34 -3.92 -13.96
C TYR B 72 -20.83 -3.69 -13.79
N VAL B 73 -21.55 -3.87 -14.90
CA VAL B 73 -23.01 -3.76 -14.95
C VAL B 73 -23.54 -4.97 -15.71
N ALA B 74 -24.76 -5.38 -15.39
CA ALA B 74 -25.39 -6.52 -16.06
C ALA B 74 -26.24 -6.05 -17.23
N VAL B 75 -26.48 -6.97 -18.16
CA VAL B 75 -27.27 -6.67 -19.36
C VAL B 75 -28.75 -6.80 -19.04
N PRO B 76 -29.55 -5.77 -19.26
CA PRO B 76 -30.99 -5.88 -19.03
C PRO B 76 -31.73 -6.43 -20.23
N THR B 77 -32.84 -7.13 -19.96
CA THR B 77 -33.68 -7.64 -21.03
C THR B 77 -34.51 -6.52 -21.65
N GLN B 78 -34.91 -5.55 -20.83
CA GLN B 78 -35.69 -4.41 -21.29
C GLN B 78 -34.82 -3.16 -21.33
N PHE B 79 -35.30 -2.15 -22.07
CA PHE B 79 -34.63 -0.86 -22.10
C PHE B 79 -35.68 0.25 -22.10
N ASP B 80 -35.25 1.43 -21.67
CA ASP B 80 -36.11 2.59 -21.52
C ASP B 80 -35.43 3.78 -22.18
N ASP B 81 -36.20 4.84 -22.39
CA ASP B 81 -35.62 6.08 -22.90
C ASP B 81 -34.89 6.86 -21.82
N ARG B 82 -33.93 6.20 -21.17
CA ARG B 82 -33.11 6.78 -20.13
C ARG B 82 -31.89 5.90 -20.00
N PRO B 83 -30.73 6.48 -19.69
CA PRO B 83 -29.47 5.73 -19.83
C PRO B 83 -29.40 4.55 -18.90
N LEU B 84 -28.64 3.54 -19.32
CA LEU B 84 -28.31 2.45 -18.41
C LEU B 84 -27.60 2.99 -17.18
N ILE B 85 -26.71 3.94 -17.36
CA ILE B 85 -25.99 4.57 -16.25
C ILE B 85 -25.75 6.03 -16.60
N SER B 86 -25.88 6.88 -15.59
CA SER B 86 -25.56 8.29 -15.72
C SER B 86 -24.96 8.77 -14.41
N PHE B 87 -24.19 9.84 -14.50
CA PHE B 87 -23.50 10.38 -13.33
C PHE B 87 -23.00 11.77 -13.67
N PRO B 88 -22.88 12.65 -12.67
CA PRO B 88 -22.30 13.96 -12.93
C PRO B 88 -20.83 13.87 -13.25
N ILE B 89 -20.33 14.88 -13.94
CA ILE B 89 -18.89 14.97 -14.21
C ILE B 89 -18.23 15.59 -12.99
N THR B 90 -17.86 14.75 -12.04
CA THR B 90 -17.32 15.22 -10.77
C THR B 90 -16.35 14.20 -10.19
N LEU B 91 -15.20 14.69 -9.71
CA LEU B 91 -14.14 13.79 -9.29
C LEU B 91 -14.43 13.12 -7.95
N SER B 92 -15.43 13.58 -7.22
CA SER B 92 -15.65 13.12 -5.85
C SER B 92 -16.47 11.83 -5.77
N ASP B 93 -17.11 11.40 -6.85
CA ASP B 93 -17.97 10.24 -6.76
C ASP B 93 -17.14 8.97 -6.53
N PRO B 94 -17.70 7.95 -5.89
CA PRO B 94 -16.91 6.75 -5.56
C PRO B 94 -16.25 6.10 -6.76
N VAL B 95 -16.94 6.04 -7.90
CA VAL B 95 -16.33 5.47 -9.09
C VAL B 95 -15.06 6.22 -9.45
N TYR B 96 -15.03 7.54 -9.22
CA TYR B 96 -13.80 8.30 -9.38
C TYR B 96 -12.83 8.01 -8.24
N GLN B 97 -13.35 7.91 -7.02
CA GLN B 97 -12.52 7.96 -5.82
C GLN B 97 -11.34 6.98 -5.90
N ASN B 98 -11.64 5.69 -5.97
CA ASN B 98 -10.62 4.67 -5.78
C ASN B 98 -9.88 4.32 -7.07
N THR B 99 -10.00 5.15 -8.10
CA THR B 99 -9.15 5.02 -9.26
C THR B 99 -7.76 5.55 -8.93
N LEU B 100 -6.81 5.32 -9.85
CA LEU B 100 -5.51 5.97 -9.73
C LEU B 100 -5.69 7.49 -9.70
N VAL B 101 -6.42 8.01 -10.68
CA VAL B 101 -6.62 9.45 -10.77
C VAL B 101 -7.37 9.95 -9.55
N GLY B 102 -8.38 9.22 -9.10
CA GLY B 102 -9.14 9.64 -7.94
C GLY B 102 -8.30 9.67 -6.68
N ALA B 103 -7.52 8.62 -6.45
CA ALA B 103 -6.65 8.58 -5.28
C ALA B 103 -5.66 9.72 -5.31
N ILE B 104 -5.07 9.98 -6.48
CA ILE B 104 -4.16 11.11 -6.61
C ILE B 104 -4.88 12.41 -6.25
N SER B 105 -5.93 12.71 -6.99
CA SER B 105 -6.63 13.98 -6.84
C SER B 105 -7.11 14.20 -5.41
N SER B 106 -7.44 13.11 -4.70
CA SER B 106 -7.88 13.24 -3.32
C SER B 106 -6.90 14.06 -2.50
N ASN B 107 -5.66 14.18 -2.95
CA ASN B 107 -4.65 15.01 -2.31
C ASN B 107 -4.14 16.06 -3.29
N PHE B 108 -5.05 16.65 -4.05
CA PHE B 108 -4.73 17.78 -4.92
C PHE B 108 -5.88 18.76 -4.90
N ALA B 109 -5.60 19.98 -5.37
CA ALA B 109 -6.55 21.07 -5.29
C ALA B 109 -7.39 21.23 -6.54
N ASN B 110 -6.76 21.23 -7.72
CA ASN B 110 -7.45 21.53 -8.95
C ASN B 110 -6.97 20.58 -10.04
N TYR B 111 -7.77 20.45 -11.09
CA TYR B 111 -7.48 19.51 -12.17
C TYR B 111 -7.60 20.19 -13.52
N ARG B 112 -6.92 19.60 -14.50
CA ARG B 112 -6.80 20.16 -15.83
C ARG B 112 -6.54 19.03 -16.81
N GLY B 113 -6.90 19.25 -18.07
CA GLY B 113 -6.72 18.23 -19.07
C GLY B 113 -7.91 17.28 -19.14
N CYS B 114 -7.62 16.03 -19.52
CA CYS B 114 -8.67 15.07 -19.82
C CYS B 114 -8.26 13.68 -19.34
N ILE B 115 -9.24 12.79 -19.32
CA ILE B 115 -9.09 11.44 -18.78
C ILE B 115 -9.51 10.42 -19.84
N GLN B 116 -8.96 9.22 -19.74
CA GLN B 116 -9.34 8.13 -20.62
C GLN B 116 -10.48 7.33 -20.01
N ILE B 117 -11.52 7.07 -20.80
CA ILE B 117 -12.67 6.29 -20.38
C ILE B 117 -12.69 5.02 -21.22
N THR B 118 -12.54 3.87 -20.55
CA THR B 118 -12.47 2.58 -21.22
C THR B 118 -13.67 1.73 -20.83
N LEU B 119 -14.09 0.87 -21.75
CA LEU B 119 -15.38 0.21 -21.64
C LEU B 119 -15.16 -1.27 -21.83
N THR B 120 -16.07 -2.12 -21.32
CA THR B 120 -15.86 -3.55 -21.46
C THR B 120 -17.17 -4.32 -21.35
N PHE B 121 -17.16 -5.55 -21.88
CA PHE B 121 -18.31 -6.45 -21.85
C PHE B 121 -17.83 -7.85 -21.49
N CYS B 122 -18.75 -8.65 -20.93
CA CYS B 122 -18.39 -9.95 -20.36
C CYS B 122 -19.26 -11.12 -20.81
N GLY B 123 -20.20 -10.92 -21.72
CA GLY B 123 -21.13 -11.97 -22.08
C GLY B 123 -20.54 -12.98 -23.03
N PRO B 124 -21.37 -13.92 -23.47
CA PRO B 124 -20.91 -14.91 -24.45
C PRO B 124 -20.54 -14.26 -25.77
N MET B 125 -19.54 -14.82 -26.42
CA MET B 125 -19.01 -14.28 -27.67
C MET B 125 -19.99 -14.38 -28.81
N MET B 126 -21.01 -15.23 -28.74
CA MET B 126 -22.00 -15.34 -29.79
C MET B 126 -22.97 -14.15 -29.79
N ALA B 127 -22.65 -13.08 -29.08
CA ALA B 127 -23.50 -11.92 -28.98
C ALA B 127 -23.12 -10.84 -30.00
N ARG B 128 -24.14 -10.20 -30.56
CA ARG B 128 -23.95 -9.07 -31.47
C ARG B 128 -24.84 -7.93 -31.01
N GLY B 129 -24.31 -6.71 -31.05
CA GLY B 129 -25.08 -5.56 -30.58
C GLY B 129 -24.28 -4.28 -30.72
N LYS B 130 -24.91 -3.20 -30.27
CA LYS B 130 -24.30 -1.87 -30.30
C LYS B 130 -24.80 -1.05 -29.11
N PHE B 131 -24.05 -0.02 -28.77
CA PHE B 131 -24.41 0.87 -27.67
C PHE B 131 -24.11 2.31 -28.05
N LEU B 132 -24.91 3.22 -27.51
CA LEU B 132 -24.70 4.65 -27.70
C LEU B 132 -24.07 5.26 -26.46
N LEU B 133 -23.20 6.23 -26.68
CA LEU B 133 -22.48 6.91 -25.61
C LEU B 133 -22.65 8.41 -25.82
N SER B 134 -22.87 9.15 -24.74
CA SER B 134 -23.01 10.59 -24.85
C SER B 134 -22.51 11.28 -23.59
N TYR B 135 -21.52 12.14 -23.77
CA TYR B 135 -21.12 13.08 -22.73
C TYR B 135 -22.04 14.29 -22.78
N SER B 136 -22.61 14.65 -21.63
CA SER B 136 -23.50 15.79 -21.56
C SER B 136 -22.80 16.93 -20.84
N PRO B 137 -22.36 17.97 -21.52
CA PRO B 137 -21.81 19.15 -20.84
C PRO B 137 -22.85 19.77 -19.93
N PRO B 138 -22.47 20.76 -19.12
CA PRO B 138 -23.44 21.37 -18.22
C PRO B 138 -24.60 21.99 -19.00
N ASN B 139 -25.80 21.83 -18.43
CA ASN B 139 -27.03 22.29 -19.06
C ASN B 139 -28.04 22.53 -17.95
N GLY B 140 -29.30 22.73 -18.33
CA GLY B 140 -30.38 22.90 -17.39
C GLY B 140 -31.11 21.63 -16.99
N THR B 141 -30.60 20.46 -17.37
CA THR B 141 -31.27 19.21 -17.04
C THR B 141 -30.31 18.05 -17.31
N GLN B 142 -30.36 17.05 -16.44
CA GLN B 142 -29.55 15.85 -16.66
C GLN B 142 -30.16 15.03 -17.78
N PRO B 143 -29.39 14.65 -18.80
CA PRO B 143 -29.98 13.96 -19.96
C PRO B 143 -30.66 12.67 -19.57
N GLN B 144 -31.81 12.41 -20.20
CA GLN B 144 -32.47 11.12 -20.09
C GLN B 144 -32.65 10.50 -21.46
N THR B 145 -33.27 11.24 -22.38
CA THR B 145 -33.71 10.68 -23.65
C THR B 145 -32.53 10.35 -24.56
N LEU B 146 -32.70 9.29 -25.34
CA LEU B 146 -31.68 8.92 -26.32
C LEU B 146 -31.47 10.04 -27.33
N SER B 147 -32.56 10.65 -27.80
CA SER B 147 -32.43 11.79 -28.70
C SER B 147 -31.66 12.92 -28.04
N GLU B 148 -31.95 13.22 -26.77
CA GLU B 148 -31.17 14.21 -26.05
C GLU B 148 -29.68 13.85 -26.07
N ALA B 149 -29.37 12.60 -25.74
CA ALA B 149 -27.99 12.14 -25.79
C ALA B 149 -27.37 12.38 -27.16
N MET B 150 -28.14 12.17 -28.22
CA MET B 150 -27.64 12.41 -29.56
C MET B 150 -27.27 13.87 -29.77
N GLN B 151 -28.01 14.79 -29.15
CA GLN B 151 -27.63 16.20 -29.20
C GLN B 151 -26.33 16.44 -28.43
N CYS B 152 -26.09 15.68 -27.37
CA CYS B 152 -24.92 15.87 -26.53
C CYS B 152 -23.69 15.32 -27.24
N THR B 153 -22.51 15.57 -26.67
CA THR B 153 -21.26 15.00 -27.17
C THR B 153 -21.40 13.49 -27.08
N TYR B 154 -21.47 12.83 -28.23
CA TYR B 154 -21.92 11.45 -28.27
C TYR B 154 -21.20 10.66 -29.35
N SER B 155 -21.21 9.34 -29.16
CA SER B 155 -20.68 8.39 -30.13
C SER B 155 -21.34 7.05 -29.85
N ILE B 156 -21.22 6.14 -30.82
CA ILE B 156 -21.82 4.82 -30.74
C ILE B 156 -20.71 3.78 -30.81
N TRP B 157 -20.78 2.78 -29.93
CA TRP B 157 -19.78 1.73 -29.85
C TRP B 157 -20.35 0.45 -30.44
N ASP B 158 -19.59 -0.15 -31.36
CA ASP B 158 -19.96 -1.44 -31.94
C ASP B 158 -19.56 -2.56 -30.99
N ILE B 159 -20.56 -3.22 -30.41
CA ILE B 159 -20.32 -4.45 -29.67
C ILE B 159 -20.27 -5.67 -30.59
N GLY B 160 -20.32 -5.46 -31.91
CA GLY B 160 -20.36 -6.58 -32.83
C GLY B 160 -19.23 -7.56 -32.62
N LEU B 161 -17.99 -7.07 -32.53
CA LEU B 161 -16.86 -7.94 -32.23
C LEU B 161 -16.15 -7.53 -30.95
N ASN B 162 -15.69 -6.28 -30.88
CA ASN B 162 -14.86 -5.84 -29.76
C ASN B 162 -15.72 -5.64 -28.53
N SER B 163 -15.39 -6.34 -27.45
CA SER B 163 -16.12 -6.22 -26.19
C SER B 163 -15.47 -5.16 -25.31
N SER B 164 -14.63 -4.30 -25.90
CA SER B 164 -14.02 -3.21 -25.17
C SER B 164 -13.86 -2.01 -26.11
N TRP B 165 -13.84 -0.82 -25.52
CA TRP B 165 -13.73 0.42 -26.28
C TRP B 165 -13.24 1.50 -25.34
N THR B 166 -12.67 2.56 -25.93
CA THR B 166 -12.01 3.62 -25.17
C THR B 166 -12.59 4.97 -25.57
N PHE B 167 -12.45 5.93 -24.66
CA PHE B 167 -12.87 7.30 -24.89
C PHE B 167 -12.01 8.23 -24.04
N VAL B 168 -11.88 9.48 -24.49
CA VAL B 168 -11.18 10.51 -23.75
C VAL B 168 -12.05 11.75 -23.71
N VAL B 169 -12.12 12.37 -22.53
CA VAL B 169 -12.92 13.57 -22.33
C VAL B 169 -12.32 14.70 -23.16
N PRO B 170 -13.11 15.69 -23.58
CA PRO B 170 -12.53 16.94 -24.10
C PRO B 170 -12.40 17.97 -22.99
N TYR B 171 -11.26 18.67 -22.96
CA TYR B 171 -11.02 19.67 -21.92
C TYR B 171 -11.61 21.01 -22.36
N ILE B 172 -12.76 21.34 -21.78
CA ILE B 172 -13.41 22.62 -21.97
C ILE B 172 -13.56 23.27 -20.60
N SER B 173 -12.97 24.44 -20.44
CA SER B 173 -12.96 25.11 -19.14
C SER B 173 -12.68 26.60 -19.30
N PRO B 174 -13.52 27.48 -18.74
CA PRO B 174 -13.18 28.91 -18.75
C PRO B 174 -11.98 29.26 -17.88
N SER B 175 -11.54 28.34 -17.02
CA SER B 175 -10.38 28.55 -16.17
C SER B 175 -9.31 27.54 -16.52
N ASP B 176 -8.06 27.87 -16.18
CA ASP B 176 -6.94 27.00 -16.50
C ASP B 176 -7.14 25.61 -15.89
N TYR B 177 -7.50 25.55 -14.62
CA TYR B 177 -7.85 24.32 -13.93
C TYR B 177 -9.29 24.39 -13.47
N ARG B 178 -9.71 23.36 -12.75
CA ARG B 178 -11.05 23.32 -12.16
C ARG B 178 -10.95 22.72 -10.77
N GLU B 179 -11.81 23.20 -9.88
CA GLU B 179 -11.75 22.81 -8.48
C GLU B 179 -11.93 21.30 -8.36
N THR B 180 -10.95 20.64 -7.73
CA THR B 180 -11.01 19.19 -7.58
C THR B 180 -12.02 18.78 -6.51
N ARG B 181 -12.15 19.57 -5.46
CA ARG B 181 -13.00 19.21 -4.33
C ARG B 181 -14.46 19.53 -4.66
N ALA B 182 -15.35 18.62 -4.25
CA ALA B 182 -16.78 18.78 -4.49
C ALA B 182 -17.42 19.63 -3.38
N ILE B 183 -16.96 20.87 -3.29
CA ILE B 183 -17.55 21.81 -2.34
C ILE B 183 -19.02 22.03 -2.67
N THR B 184 -19.34 22.06 -3.96
CA THR B 184 -20.72 22.21 -4.41
C THR B 184 -20.74 21.97 -5.91
N ASN B 185 -21.89 21.50 -6.40
CA ASN B 185 -22.07 21.34 -7.84
C ASN B 185 -22.21 22.72 -8.44
N SER B 186 -21.08 23.34 -8.78
CA SER B 186 -21.05 24.74 -9.16
C SER B 186 -20.26 24.89 -10.45
N VAL B 187 -20.36 26.08 -11.04
CA VAL B 187 -19.67 26.37 -12.29
C VAL B 187 -18.16 26.24 -12.17
N TYR B 188 -17.60 26.34 -10.96
CA TYR B 188 -16.17 26.16 -10.79
C TYR B 188 -15.69 24.76 -11.17
N SER B 189 -16.42 23.71 -10.79
CA SER B 189 -15.96 22.35 -11.01
C SER B 189 -16.92 21.51 -11.86
N ALA B 190 -18.20 21.46 -11.47
CA ALA B 190 -19.13 20.55 -12.10
C ALA B 190 -19.23 20.82 -13.60
N ASP B 191 -19.28 19.74 -14.38
CA ASP B 191 -19.23 19.83 -15.84
C ASP B 191 -20.26 18.89 -16.48
N GLY B 192 -21.49 18.89 -15.98
CA GLY B 192 -22.56 18.18 -16.65
C GLY B 192 -22.67 16.73 -16.22
N TRP B 193 -23.02 15.87 -17.19
CA TRP B 193 -23.31 14.47 -16.90
C TRP B 193 -22.86 13.60 -18.07
N PHE B 194 -22.83 12.29 -17.81
CA PHE B 194 -22.65 11.28 -18.83
C PHE B 194 -23.92 10.44 -18.98
N SER B 195 -24.04 9.77 -20.12
CA SER B 195 -25.19 8.92 -20.39
C SER B 195 -24.73 7.67 -21.14
N LEU B 196 -25.53 6.62 -21.03
CA LEU B 196 -25.23 5.33 -21.64
C LEU B 196 -26.53 4.66 -22.05
N HIS B 197 -26.69 4.39 -23.34
CA HIS B 197 -27.88 3.74 -23.87
C HIS B 197 -27.49 2.56 -24.74
N LYS B 198 -28.26 1.49 -24.66
CA LYS B 198 -28.07 0.35 -25.54
C LYS B 198 -28.77 0.60 -26.86
N LEU B 199 -28.03 0.46 -27.96
CA LEU B 199 -28.57 0.82 -29.26
C LEU B 199 -29.65 -0.16 -29.72
N THR B 200 -29.38 -1.46 -29.60
CA THR B 200 -30.31 -2.49 -30.02
C THR B 200 -30.34 -3.60 -28.99
N LYS B 201 -31.42 -4.36 -28.97
CA LYS B 201 -31.61 -5.36 -27.92
C LYS B 201 -30.86 -6.66 -28.27
N ILE B 202 -31.14 -7.70 -27.47
CA ILE B 202 -30.27 -8.87 -27.43
C ILE B 202 -30.35 -9.66 -28.73
N THR B 203 -29.25 -10.33 -29.06
CA THR B 203 -29.18 -11.24 -30.19
C THR B 203 -28.20 -12.36 -29.84
N LEU B 204 -28.73 -13.55 -29.57
CA LEU B 204 -27.93 -14.68 -29.13
C LEU B 204 -28.48 -15.97 -29.70
N PRO B 205 -27.63 -16.97 -29.92
CA PRO B 205 -28.11 -18.30 -30.31
C PRO B 205 -28.47 -19.12 -29.07
N PRO B 206 -28.93 -20.36 -29.26
CA PRO B 206 -29.32 -21.17 -28.11
C PRO B 206 -28.12 -21.56 -27.24
N ASP B 207 -28.42 -21.91 -26.00
CA ASP B 207 -27.46 -22.47 -25.05
C ASP B 207 -26.52 -21.40 -24.49
N CYS B 208 -26.63 -20.18 -24.98
CA CYS B 208 -25.79 -19.11 -24.46
C CYS B 208 -26.38 -18.58 -23.15
N PRO B 209 -25.56 -18.37 -22.11
CA PRO B 209 -26.10 -17.75 -20.89
C PRO B 209 -26.81 -16.45 -21.19
N GLN B 210 -27.64 -16.02 -20.24
CA GLN B 210 -28.55 -14.91 -20.44
C GLN B 210 -28.23 -13.76 -19.50
N SER B 211 -28.59 -12.55 -19.92
CA SER B 211 -28.36 -11.33 -19.17
C SER B 211 -26.88 -11.22 -18.75
N PRO B 212 -25.96 -11.19 -19.70
CA PRO B 212 -24.54 -11.18 -19.34
C PRO B 212 -24.12 -9.87 -18.70
N CYS B 213 -22.82 -9.77 -18.45
CA CYS B 213 -22.27 -8.68 -17.66
C CYS B 213 -21.45 -7.73 -18.52
N ILE B 214 -21.35 -6.48 -18.04
CA ILE B 214 -20.66 -5.42 -18.74
C ILE B 214 -19.69 -4.77 -17.76
N LEU B 215 -18.46 -4.52 -18.22
CA LEU B 215 -17.40 -4.05 -17.34
C LEU B 215 -16.81 -2.76 -17.91
N PHE B 216 -16.15 -1.98 -17.05
CA PHE B 216 -15.73 -0.66 -17.46
C PHE B 216 -14.47 -0.28 -16.69
N PHE B 217 -13.72 0.70 -17.22
CA PHE B 217 -12.48 1.14 -16.60
C PHE B 217 -12.38 2.66 -16.65
N ALA B 218 -11.22 3.17 -16.22
CA ALA B 218 -10.92 4.60 -16.27
C ALA B 218 -9.45 4.82 -15.93
N SER B 219 -8.85 5.84 -16.55
CA SER B 219 -7.49 6.22 -16.24
C SER B 219 -7.16 7.52 -16.96
N ALA B 220 -6.07 8.15 -16.51
CA ALA B 220 -5.72 9.49 -16.98
C ALA B 220 -5.29 9.48 -18.44
N GLY B 221 -5.56 10.60 -19.13
CA GLY B 221 -5.03 10.82 -20.45
C GLY B 221 -3.70 11.57 -20.41
N GLU B 222 -3.17 11.83 -21.60
CA GLU B 222 -1.87 12.48 -21.71
C GLU B 222 -1.91 13.94 -21.26
N ASP B 223 -3.03 14.62 -21.51
CA ASP B 223 -3.14 16.05 -21.24
C ASP B 223 -3.50 16.37 -19.80
N TYR B 224 -3.83 15.37 -18.98
CA TYR B 224 -4.32 15.65 -17.64
C TYR B 224 -3.23 16.31 -16.80
N THR B 225 -3.63 17.28 -15.98
CA THR B 225 -2.70 17.94 -15.08
C THR B 225 -3.44 18.35 -13.81
N LEU B 226 -2.76 18.24 -12.67
CA LEU B 226 -3.28 18.62 -11.38
C LEU B 226 -2.47 19.78 -10.81
N ARG B 227 -3.00 20.41 -9.78
CA ARG B 227 -2.37 21.56 -9.16
C ARG B 227 -2.40 21.44 -7.64
N LEU B 228 -1.32 21.88 -6.99
CA LEU B 228 -1.27 22.13 -5.56
C LEU B 228 -1.75 20.89 -4.81
N PRO B 229 -0.90 19.88 -4.63
CA PRO B 229 -1.24 18.77 -3.73
C PRO B 229 -1.79 19.26 -2.39
N VAL B 230 -2.63 18.46 -1.73
CA VAL B 230 -3.19 18.84 -0.44
C VAL B 230 -3.05 17.68 0.53
N ASP B 231 -3.26 17.97 1.80
CA ASP B 231 -3.06 16.98 2.86
C ASP B 231 -4.19 15.96 2.88
N CYS B 232 -3.97 14.87 3.62
CA CYS B 232 -4.85 13.72 3.58
C CYS B 232 -5.74 13.66 4.82
N ASN B 233 -6.48 12.56 4.95
CA ASN B 233 -7.27 12.24 6.12
C ASN B 233 -7.05 10.79 6.52
N PRO B 234 -6.81 10.50 7.80
CA PRO B 234 -6.52 9.13 8.23
C PRO B 234 -7.72 8.35 8.73
N SER B 235 -8.93 8.90 8.66
CA SER B 235 -10.09 8.25 9.27
C SER B 235 -10.26 6.80 8.81
N TYR B 236 -9.71 6.44 7.65
CA TYR B 236 -9.78 5.04 7.23
C TYR B 236 -9.08 4.12 8.20
N VAL B 237 -8.20 4.66 9.07
CA VAL B 237 -7.59 3.87 10.12
C VAL B 237 -8.65 3.16 10.95
N PHE B 238 -9.85 3.73 11.03
CA PHE B 238 -10.95 3.10 11.75
C PHE B 238 -11.49 1.93 10.96
N ARG C 1 13.88 -26.24 -16.67
CA ARG C 1 12.79 -27.13 -17.04
C ARG C 1 11.51 -26.75 -16.32
N TRP C 2 10.37 -27.13 -16.90
CA TRP C 2 9.08 -26.71 -16.38
C TRP C 2 8.70 -27.51 -15.14
N TYR C 3 7.85 -26.89 -14.31
CA TYR C 3 7.25 -27.54 -13.16
C TYR C 3 5.79 -27.11 -13.09
N THR C 4 4.95 -27.99 -12.56
CA THR C 4 3.52 -27.80 -12.66
C THR C 4 2.81 -28.40 -11.46
N GLY C 5 1.66 -27.82 -11.12
CA GLY C 5 0.81 -28.34 -10.07
C GLY C 5 -0.66 -28.12 -10.40
N ARG C 6 -1.55 -28.40 -9.44
CA ARG C 6 -2.98 -28.37 -9.67
C ARG C 6 -3.67 -27.48 -8.64
N LEU C 7 -4.88 -27.04 -9.00
CA LEU C 7 -5.65 -26.15 -8.15
C LEU C 7 -7.12 -26.53 -8.25
N ASN C 8 -7.91 -26.02 -7.31
CA ASN C 8 -9.29 -26.44 -7.16
C ASN C 8 -10.14 -25.99 -8.35
N SER C 9 -11.44 -26.29 -8.26
CA SER C 9 -12.37 -25.98 -9.34
C SER C 9 -12.98 -24.61 -9.16
N TRP C 10 -13.07 -23.86 -10.25
CA TRP C 10 -13.91 -22.66 -10.26
C TRP C 10 -15.37 -23.07 -10.27
N THR C 11 -16.07 -22.77 -9.18
CA THR C 11 -17.42 -23.26 -8.98
C THR C 11 -18.41 -22.10 -8.96
N LYS C 12 -19.66 -22.43 -9.28
CA LYS C 12 -20.73 -21.44 -9.23
C LYS C 12 -20.89 -20.83 -7.85
N ALA C 13 -20.51 -21.55 -6.79
CA ALA C 13 -20.57 -20.99 -5.45
C ALA C 13 -19.54 -19.89 -5.24
N VAL C 14 -18.54 -19.79 -6.12
CA VAL C 14 -17.53 -18.74 -6.01
C VAL C 14 -18.12 -17.44 -6.53
N LYS C 15 -17.57 -16.32 -6.05
CA LYS C 15 -18.13 -15.01 -6.34
C LYS C 15 -17.01 -14.03 -6.67
N THR C 16 -17.41 -12.81 -7.01
CA THR C 16 -16.44 -11.75 -7.25
C THR C 16 -15.65 -11.47 -5.98
N PHE C 17 -14.40 -11.06 -6.16
CA PHE C 17 -13.48 -10.86 -5.04
C PHE C 17 -13.30 -12.14 -4.24
N SER C 18 -13.35 -13.28 -4.92
CA SER C 18 -13.00 -14.57 -4.35
C SER C 18 -11.77 -15.09 -5.07
N PHE C 19 -10.87 -15.73 -4.33
CA PHE C 19 -9.52 -15.90 -4.84
C PHE C 19 -8.80 -16.99 -4.08
N GLN C 20 -7.57 -17.26 -4.53
CA GLN C 20 -6.59 -18.04 -3.79
C GLN C 20 -5.21 -17.58 -4.26
N ALA C 21 -4.20 -17.85 -3.42
CA ALA C 21 -2.87 -17.31 -3.66
C ALA C 21 -1.82 -18.40 -3.46
N VAL C 22 -0.67 -18.18 -4.09
CA VAL C 22 0.45 -19.12 -4.01
C VAL C 22 1.75 -18.35 -3.77
N PRO C 23 2.61 -18.79 -2.86
CA PRO C 23 3.88 -18.09 -2.64
C PRO C 23 5.02 -18.67 -3.46
N LEU C 24 5.95 -17.80 -3.82
CA LEU C 24 7.22 -18.24 -4.41
C LEU C 24 8.32 -18.13 -3.37
N PRO C 25 9.12 -19.19 -3.14
CA PRO C 25 9.06 -20.53 -3.72
C PRO C 25 8.25 -21.49 -2.86
N GLY C 26 7.54 -20.99 -1.86
CA GLY C 26 6.85 -21.84 -0.89
C GLY C 26 6.07 -22.98 -1.51
N ALA C 27 5.61 -22.78 -2.75
CA ALA C 27 4.91 -23.86 -3.44
C ALA C 27 5.80 -25.09 -3.56
N PHE C 28 7.05 -24.90 -3.99
CA PHE C 28 7.97 -26.03 -4.06
C PHE C 28 8.26 -26.59 -2.68
N LEU C 29 8.46 -25.71 -1.69
CA LEU C 29 8.77 -26.18 -0.34
C LEU C 29 7.68 -27.08 0.21
N SER C 30 6.41 -26.78 -0.10
CA SER C 30 5.30 -27.60 0.36
C SER C 30 4.82 -28.60 -0.67
N ARG C 31 5.46 -28.69 -1.83
CA ARG C 31 4.94 -29.48 -2.94
C ARG C 31 3.46 -29.19 -3.14
N GLN C 32 3.14 -27.90 -3.13
CA GLN C 32 1.75 -27.45 -3.09
C GLN C 32 0.96 -28.01 -4.26
N GLY C 33 -0.21 -28.58 -3.96
CA GLY C 33 -1.08 -29.08 -5.00
C GLY C 33 -0.43 -30.12 -5.89
N GLY C 34 0.37 -31.01 -5.31
CA GLY C 34 1.09 -31.99 -6.08
C GLY C 34 2.33 -31.47 -6.77
N LEU C 35 2.66 -30.19 -6.59
CA LEU C 35 3.83 -29.63 -7.24
C LEU C 35 5.09 -30.34 -6.76
N ASN C 36 6.03 -30.53 -7.68
CA ASN C 36 7.31 -31.15 -7.38
C ASN C 36 8.41 -30.48 -8.19
N GLY C 37 9.51 -30.13 -7.52
CA GLY C 37 10.65 -29.55 -8.18
C GLY C 37 11.83 -30.49 -8.23
N GLY C 38 12.01 -31.26 -7.16
CA GLY C 38 12.99 -32.34 -7.19
C GLY C 38 14.40 -31.87 -6.88
N ALA C 39 15.25 -31.89 -7.91
CA ALA C 39 16.68 -31.71 -7.69
C ALA C 39 16.99 -30.32 -7.14
N PHE C 40 16.52 -29.27 -7.80
CA PHE C 40 16.80 -27.93 -7.33
C PHE C 40 16.12 -27.65 -6.00
N THR C 41 14.93 -28.22 -5.80
CA THR C 41 14.24 -28.05 -4.53
C THR C 41 15.07 -28.61 -3.38
N ALA C 42 15.63 -29.79 -3.57
CA ALA C 42 16.55 -30.34 -2.57
C ALA C 42 17.80 -29.48 -2.45
N THR C 43 18.34 -29.02 -3.58
CA THR C 43 19.53 -28.18 -3.57
C THR C 43 19.32 -26.94 -2.70
N LEU C 44 18.08 -26.44 -2.65
CA LEU C 44 17.76 -25.29 -1.82
C LEU C 44 18.42 -25.41 -0.45
N HIS C 45 18.18 -26.52 0.23
CA HIS C 45 18.66 -26.68 1.59
C HIS C 45 20.17 -26.74 1.67
N ARG C 46 20.84 -27.19 0.61
CA ARG C 46 22.28 -27.32 0.60
C ARG C 46 22.99 -26.04 0.16
N HIS C 47 22.24 -24.97 -0.09
CA HIS C 47 22.81 -23.70 -0.52
C HIS C 47 22.11 -22.60 0.25
N PHE C 48 22.89 -21.74 0.90
CA PHE C 48 22.34 -20.81 1.88
C PHE C 48 21.78 -19.56 1.23
N LEU C 49 22.04 -19.34 -0.07
CA LEU C 49 21.51 -18.19 -0.79
C LEU C 49 21.25 -18.58 -2.24
N MET C 50 20.38 -17.79 -2.89
CA MET C 50 20.01 -18.05 -4.27
C MET C 50 19.40 -16.79 -4.87
N LYS C 51 19.35 -16.77 -6.20
CA LYS C 51 18.77 -15.65 -6.95
C LYS C 51 18.34 -16.15 -8.31
N CYS C 52 17.08 -15.89 -8.67
CA CYS C 52 16.53 -16.38 -9.93
C CYS C 52 15.30 -15.57 -10.31
N GLY C 53 14.92 -15.66 -11.58
CA GLY C 53 13.64 -15.19 -12.06
C GLY C 53 12.64 -16.32 -12.20
N TRP C 54 11.62 -16.08 -13.01
CA TRP C 54 10.54 -17.06 -13.13
C TRP C 54 9.88 -16.98 -14.50
N GLN C 55 9.09 -18.02 -14.79
CA GLN C 55 8.36 -18.15 -16.05
C GLN C 55 7.28 -19.22 -15.86
N VAL C 56 6.03 -18.85 -16.07
CA VAL C 56 4.90 -19.64 -15.57
C VAL C 56 3.82 -19.79 -16.63
N GLN C 57 2.90 -20.72 -16.39
CA GLN C 57 1.68 -20.89 -17.17
C GLN C 57 0.57 -21.41 -16.28
N VAL C 58 -0.67 -21.14 -16.67
CA VAL C 58 -1.85 -21.60 -15.94
C VAL C 58 -2.92 -21.97 -16.96
N GLN C 59 -3.78 -22.91 -16.57
CA GLN C 59 -4.79 -23.46 -17.48
C GLN C 59 -6.08 -23.75 -16.73
N CYS C 60 -7.18 -23.81 -17.48
CA CYS C 60 -8.49 -24.11 -16.92
C CYS C 60 -9.47 -24.31 -18.07
N ASN C 61 -10.45 -25.19 -17.84
CA ASN C 61 -11.39 -25.55 -18.89
C ASN C 61 -12.55 -24.58 -18.96
N LEU C 62 -12.86 -24.13 -20.17
CA LEU C 62 -13.99 -23.25 -20.41
C LEU C 62 -14.84 -23.82 -21.53
N THR C 63 -15.90 -23.09 -21.90
CA THR C 63 -16.71 -23.42 -23.07
C THR C 63 -17.41 -22.15 -23.52
N GLN C 64 -17.82 -22.14 -24.78
CA GLN C 64 -18.48 -20.97 -25.35
C GLN C 64 -19.67 -20.55 -24.49
N PHE C 65 -20.38 -21.51 -23.92
CA PHE C 65 -21.66 -21.25 -23.27
C PHE C 65 -21.48 -21.04 -21.78
N HIS C 66 -20.31 -20.52 -21.39
CA HIS C 66 -20.04 -20.05 -20.05
C HIS C 66 -19.91 -18.53 -20.07
N GLN C 67 -20.24 -17.90 -18.95
CA GLN C 67 -19.99 -16.48 -18.78
C GLN C 67 -19.50 -16.25 -17.35
N GLY C 68 -18.73 -15.18 -17.19
CA GLY C 68 -17.94 -14.96 -16.00
C GLY C 68 -16.48 -14.73 -16.36
N ALA C 69 -15.73 -14.30 -15.35
CA ALA C 69 -14.36 -13.89 -15.61
C ALA C 69 -13.48 -14.19 -14.40
N LEU C 70 -12.18 -14.29 -14.68
CA LEU C 70 -11.17 -14.57 -13.68
C LEU C 70 -9.96 -13.68 -13.94
N LEU C 71 -9.13 -13.50 -12.93
CA LEU C 71 -7.94 -12.67 -13.04
C LEU C 71 -6.75 -13.38 -12.45
N VAL C 72 -5.58 -13.12 -13.04
CA VAL C 72 -4.31 -13.68 -12.58
C VAL C 72 -3.32 -12.53 -12.48
N ALA C 73 -2.58 -12.47 -11.37
CA ALA C 73 -1.62 -11.39 -11.16
C ALA C 73 -0.61 -11.79 -10.11
N MET C 74 0.66 -11.48 -10.38
CA MET C 74 1.71 -11.64 -9.38
C MET C 74 1.83 -10.37 -8.55
N VAL C 75 2.01 -10.54 -7.24
CA VAL C 75 2.17 -9.39 -6.35
C VAL C 75 3.33 -9.69 -5.41
N PRO C 76 4.27 -8.76 -5.24
CA PRO C 76 5.42 -9.02 -4.38
C PRO C 76 5.23 -8.55 -2.94
N GLU C 77 6.11 -9.02 -2.07
CA GLU C 77 6.23 -8.56 -0.69
C GLU C 77 4.91 -8.62 0.07
N THR C 78 4.02 -9.54 -0.31
CA THR C 78 2.78 -9.69 0.44
C THR C 78 2.96 -10.73 1.55
N THR C 79 2.04 -10.68 2.51
CA THR C 79 2.00 -11.64 3.62
C THR C 79 0.74 -12.49 3.53
N LEU C 80 0.31 -12.79 2.30
CA LEU C 80 -0.93 -13.51 2.09
C LEU C 80 -0.95 -14.86 2.80
N ASP C 81 0.22 -15.50 2.93
CA ASP C 81 0.27 -16.79 3.60
C ASP C 81 -0.20 -16.70 5.05
N VAL C 82 -0.02 -15.53 5.68
CA VAL C 82 -0.35 -15.39 7.09
C VAL C 82 -1.86 -15.49 7.26
N LYS C 83 -2.29 -16.36 8.17
CA LYS C 83 -3.68 -16.48 8.52
C LYS C 83 -4.00 -15.52 9.66
N PRO C 84 -5.28 -15.38 10.02
CA PRO C 84 -5.61 -14.68 11.27
C PRO C 84 -5.02 -15.38 12.49
N ASP C 85 -4.68 -16.65 12.39
CA ASP C 85 -3.96 -17.33 13.46
C ASP C 85 -2.53 -16.83 13.61
N GLY C 86 -2.00 -16.15 12.60
CA GLY C 86 -0.66 -15.60 12.66
C GLY C 86 0.44 -16.48 12.08
N LYS C 87 0.08 -17.51 11.31
CA LYS C 87 1.05 -18.41 10.72
C LYS C 87 0.76 -18.62 9.24
N ALA C 88 1.77 -19.08 8.52
CA ALA C 88 1.59 -19.48 7.14
C ALA C 88 0.71 -20.72 7.07
N LYS C 89 0.13 -20.95 5.89
CA LYS C 89 -0.89 -21.97 5.73
C LYS C 89 -0.26 -23.32 5.40
N SER C 90 -0.80 -24.37 6.00
CA SER C 90 -0.37 -25.73 5.69
C SER C 90 -1.13 -26.26 4.47
N LEU C 91 -0.88 -27.52 4.13
CA LEU C 91 -1.50 -28.12 2.96
C LEU C 91 -2.98 -28.41 3.14
N GLN C 92 -3.52 -28.26 4.35
CA GLN C 92 -4.89 -28.66 4.61
C GLN C 92 -5.87 -27.51 4.47
N GLU C 93 -5.51 -26.33 4.98
CA GLU C 93 -6.49 -25.24 5.09
C GLU C 93 -6.99 -24.80 3.73
N LEU C 94 -6.07 -24.49 2.82
CA LEU C 94 -6.47 -24.07 1.48
C LEU C 94 -7.04 -25.23 0.69
N ASN C 95 -6.48 -26.43 0.83
CA ASN C 95 -7.05 -27.57 0.13
C ASN C 95 -8.49 -27.81 0.53
N GLU C 96 -8.87 -27.40 1.75
CA GLU C 96 -10.23 -27.61 2.23
C GLU C 96 -11.14 -26.46 1.82
N GLU C 97 -10.82 -25.24 2.23
CA GLU C 97 -11.68 -24.10 1.90
C GLU C 97 -11.74 -23.82 0.41
N GLN C 98 -10.60 -23.88 -0.28
CA GLN C 98 -10.50 -23.93 -1.74
C GLN C 98 -10.79 -22.60 -2.43
N TRP C 99 -11.29 -21.60 -1.72
CA TRP C 99 -11.53 -20.29 -2.32
C TRP C 99 -11.69 -19.25 -1.22
N VAL C 100 -10.76 -18.30 -1.18
CA VAL C 100 -10.85 -17.22 -0.20
C VAL C 100 -11.72 -16.10 -0.76
N GLU C 101 -12.44 -15.44 0.14
CA GLU C 101 -13.29 -14.30 -0.21
C GLU C 101 -12.88 -13.11 0.64
N MET C 102 -13.02 -11.92 0.08
CA MET C 102 -12.48 -10.72 0.72
C MET C 102 -13.24 -10.39 2.00
N SER C 103 -12.49 -9.94 3.01
CA SER C 103 -13.06 -9.51 4.28
C SER C 103 -12.17 -8.42 4.86
N ASP C 104 -12.73 -7.67 5.80
CA ASP C 104 -12.02 -6.51 6.33
C ASP C 104 -10.65 -6.90 6.89
N ASP C 105 -10.55 -8.10 7.45
CA ASP C 105 -9.26 -8.52 8.01
C ASP C 105 -8.15 -8.45 6.96
N TYR C 106 -8.46 -8.81 5.72
CA TYR C 106 -7.47 -8.74 4.66
C TYR C 106 -7.54 -7.43 3.87
N ARG C 107 -8.65 -6.72 3.95
CA ARG C 107 -8.71 -5.37 3.45
C ARG C 107 -7.89 -4.43 4.30
N THR C 108 -7.45 -4.94 5.45
CA THR C 108 -6.65 -4.16 6.38
C THR C 108 -5.28 -4.77 6.69
N GLY C 109 -5.09 -6.08 6.52
CA GLY C 109 -3.85 -6.72 6.91
C GLY C 109 -3.74 -7.04 8.39
N LYS C 110 -4.83 -6.94 9.15
CA LYS C 110 -4.74 -7.06 10.60
C LYS C 110 -4.24 -8.43 11.04
N ASN C 111 -4.28 -9.43 10.15
CA ASN C 111 -3.88 -10.78 10.52
C ASN C 111 -2.36 -10.94 10.62
N MET C 112 -1.59 -9.91 10.33
CA MET C 112 -0.14 -10.07 10.31
C MET C 112 0.35 -10.48 11.70
N PRO C 113 1.51 -11.13 11.78
CA PRO C 113 2.01 -11.59 13.08
C PRO C 113 2.18 -10.44 14.05
N PHE C 114 1.95 -10.71 15.33
CA PHE C 114 2.06 -9.70 16.36
C PHE C 114 2.79 -10.28 17.56
N GLN C 115 3.01 -9.44 18.57
CA GLN C 115 3.78 -9.82 19.74
C GLN C 115 2.89 -9.95 20.96
N SER C 116 3.25 -10.90 21.83
CA SER C 116 2.59 -11.02 23.12
C SER C 116 3.02 -9.89 24.03
N LEU C 117 2.04 -9.17 24.57
CA LEU C 117 2.33 -8.01 25.40
C LEU C 117 3.03 -8.41 26.69
N GLY C 118 2.52 -9.42 27.37
CA GLY C 118 2.91 -9.67 28.75
C GLY C 118 2.05 -8.81 29.67
N THR C 119 2.12 -9.07 30.97
CA THR C 119 1.26 -8.35 31.91
C THR C 119 1.63 -6.87 32.01
N TYR C 120 2.78 -6.47 31.45
CA TYR C 120 3.29 -5.13 31.67
C TYR C 120 2.43 -4.07 30.99
N TYR C 121 1.76 -4.40 29.89
CA TYR C 121 1.21 -3.39 28.99
C TYR C 121 -0.30 -3.53 28.85
N ARG C 122 -0.93 -2.40 28.51
CA ARG C 122 -2.35 -2.39 28.23
C ARG C 122 -2.63 -3.12 26.92
N PRO C 123 -3.79 -3.76 26.78
CA PRO C 123 -4.14 -4.40 25.51
C PRO C 123 -4.64 -3.38 24.50
N PRO C 124 -4.14 -3.41 23.27
CA PRO C 124 -4.59 -2.44 22.27
C PRO C 124 -5.86 -2.88 21.56
N ASN C 125 -6.49 -1.92 20.89
CA ASN C 125 -7.62 -2.20 20.02
C ASN C 125 -7.13 -2.23 18.59
N TRP C 126 -7.11 -3.42 17.99
CA TRP C 126 -6.56 -3.58 16.65
C TRP C 126 -7.53 -3.04 15.61
N THR C 127 -7.07 -2.10 14.80
CA THR C 127 -7.94 -1.47 13.80
C THR C 127 -7.33 -1.34 12.41
N TRP C 128 -6.00 -1.35 12.26
CA TRP C 128 -5.42 -1.01 10.97
C TRP C 128 -4.19 -1.89 10.70
N GLY C 129 -3.83 -1.97 9.42
CA GLY C 129 -2.61 -2.62 9.00
C GLY C 129 -2.20 -2.15 7.62
N PRO C 130 -0.89 -2.18 7.33
CA PRO C 130 -0.42 -1.66 6.02
C PRO C 130 -0.48 -2.66 4.89
N ASN C 131 -0.61 -3.95 5.17
CA ASN C 131 -0.63 -4.97 4.12
C ASN C 131 -2.03 -5.24 3.60
N PHE C 132 -2.88 -4.23 3.64
CA PHE C 132 -4.24 -4.35 3.13
C PHE C 132 -4.25 -4.75 1.66
N ILE C 133 -5.44 -5.11 1.18
CA ILE C 133 -5.69 -5.35 -0.23
C ILE C 133 -6.82 -4.45 -0.67
N ASN C 134 -6.55 -3.60 -1.67
CA ASN C 134 -7.58 -2.77 -2.30
C ASN C 134 -7.82 -3.32 -3.70
N PRO C 135 -8.79 -4.21 -3.89
CA PRO C 135 -8.88 -4.92 -5.17
C PRO C 135 -9.04 -4.01 -6.37
N TYR C 136 -9.66 -2.84 -6.18
CA TYR C 136 -9.90 -1.96 -7.31
C TYR C 136 -8.60 -1.41 -7.89
N GLN C 137 -7.50 -1.50 -7.13
CA GLN C 137 -6.24 -0.93 -7.56
C GLN C 137 -5.31 -1.94 -8.21
N VAL C 138 -5.67 -3.22 -8.23
CA VAL C 138 -4.72 -4.26 -8.65
C VAL C 138 -4.45 -4.21 -10.14
N THR C 139 -5.28 -3.53 -10.93
CA THR C 139 -5.05 -3.48 -12.37
C THR C 139 -3.71 -2.86 -12.71
N VAL C 140 -3.13 -2.09 -11.78
CA VAL C 140 -1.82 -1.49 -12.03
C VAL C 140 -0.80 -2.56 -12.37
N PHE C 141 -0.81 -3.66 -11.64
CA PHE C 141 0.12 -4.74 -11.91
C PHE C 141 -0.16 -5.31 -13.30
N PRO C 142 0.87 -5.58 -14.10
CA PRO C 142 0.64 -6.36 -15.33
C PRO C 142 -0.02 -7.68 -14.98
N HIS C 143 -1.02 -8.06 -15.78
CA HIS C 143 -1.87 -9.17 -15.42
C HIS C 143 -2.45 -9.77 -16.69
N GLN C 144 -3.14 -10.90 -16.51
CA GLN C 144 -3.76 -11.60 -17.62
C GLN C 144 -5.11 -12.14 -17.16
N ILE C 145 -5.99 -12.34 -18.14
CA ILE C 145 -7.39 -12.65 -17.88
C ILE C 145 -7.74 -13.96 -18.57
N LEU C 146 -8.52 -14.78 -17.88
CA LEU C 146 -8.97 -16.07 -18.40
C LEU C 146 -10.49 -16.10 -18.31
N ASN C 147 -11.15 -16.13 -19.46
CA ASN C 147 -12.60 -16.01 -19.52
C ASN C 147 -13.12 -16.89 -20.65
N ALA C 148 -14.41 -17.22 -20.56
CA ALA C 148 -15.03 -18.09 -21.56
C ALA C 148 -14.84 -17.53 -22.95
N ARG C 149 -15.01 -16.22 -23.12
CA ARG C 149 -14.87 -15.58 -24.42
C ARG C 149 -13.42 -15.33 -24.82
N THR C 150 -12.47 -15.59 -23.93
CA THR C 150 -11.09 -15.17 -24.20
C THR C 150 -10.15 -16.36 -24.38
N SER C 151 -10.04 -17.22 -23.38
CA SER C 151 -8.98 -18.22 -23.40
C SER C 151 -9.24 -19.27 -22.33
N THR C 152 -8.32 -20.23 -22.24
CA THR C 152 -8.33 -21.26 -21.21
C THR C 152 -7.01 -21.32 -20.44
N SER C 153 -6.03 -20.48 -20.78
CA SER C 153 -4.72 -20.52 -20.17
C SER C 153 -4.07 -19.16 -20.30
N VAL C 154 -2.92 -18.99 -19.63
CA VAL C 154 -2.22 -17.70 -19.59
C VAL C 154 -0.74 -17.95 -19.38
N ASP C 155 0.07 -16.95 -19.69
CA ASP C 155 1.52 -17.04 -19.59
C ASP C 155 2.08 -15.71 -19.12
N ILE C 156 3.05 -15.75 -18.21
CA ILE C 156 3.64 -14.55 -17.63
C ILE C 156 5.07 -14.85 -17.21
N ASN C 157 5.89 -13.79 -17.19
CA ASN C 157 7.26 -13.86 -16.72
C ASN C 157 7.54 -12.67 -15.80
N VAL C 158 8.40 -12.90 -14.80
CA VAL C 158 8.75 -11.85 -13.84
C VAL C 158 10.22 -11.95 -13.51
N PRO C 159 10.81 -10.84 -13.08
CA PRO C 159 12.23 -10.83 -12.70
C PRO C 159 12.42 -11.08 -11.22
N TYR C 160 13.69 -11.10 -10.82
CA TYR C 160 14.06 -11.18 -9.41
C TYR C 160 13.88 -9.82 -8.73
N ILE C 161 13.62 -9.85 -7.43
CA ILE C 161 13.47 -8.64 -6.63
C ILE C 161 13.89 -8.96 -5.20
N GLY C 162 14.31 -7.91 -4.48
CA GLY C 162 14.71 -8.06 -3.09
C GLY C 162 15.52 -6.89 -2.59
N GLU C 163 15.47 -6.65 -1.28
CA GLU C 163 16.22 -5.54 -0.69
C GLU C 163 17.73 -5.74 -0.78
N THR C 164 18.18 -6.93 -1.13
CA THR C 164 19.59 -7.21 -1.40
C THR C 164 19.67 -7.89 -2.75
N PRO C 165 20.84 -7.82 -3.41
CA PRO C 165 20.96 -8.49 -4.71
C PRO C 165 20.66 -9.97 -4.66
N THR C 166 20.99 -10.66 -3.56
CA THR C 166 20.59 -12.04 -3.36
C THR C 166 20.12 -12.21 -1.93
N GLN C 167 19.35 -13.27 -1.70
CA GLN C 167 18.72 -13.48 -0.41
C GLN C 167 18.80 -14.96 -0.05
N SER C 168 18.59 -15.25 1.23
CA SER C 168 18.62 -16.63 1.69
C SER C 168 17.58 -17.45 0.95
N SER C 169 17.97 -18.65 0.54
CA SER C 169 17.06 -19.53 -0.18
C SER C 169 15.83 -19.85 0.67
N GLU C 170 16.01 -19.96 1.99
CA GLU C 170 14.92 -20.39 2.85
C GLU C 170 13.94 -19.26 3.15
N THR C 171 14.44 -18.04 3.29
CA THR C 171 13.62 -16.93 3.74
C THR C 171 13.12 -16.05 2.59
N GLN C 172 13.84 -16.00 1.48
CA GLN C 172 13.45 -15.13 0.39
C GLN C 172 12.05 -15.49 -0.12
N ASN C 173 11.10 -14.58 0.09
CA ASN C 173 9.72 -14.81 -0.30
C ASN C 173 9.16 -13.58 -0.98
N SER C 174 9.91 -13.02 -1.93
CA SER C 174 9.57 -11.73 -2.50
C SER C 174 8.30 -11.75 -3.34
N TRP C 175 8.04 -12.84 -4.06
CA TRP C 175 6.94 -12.89 -5.02
C TRP C 175 5.84 -13.81 -4.54
N THR C 176 4.60 -13.42 -4.82
CA THR C 176 3.42 -14.20 -4.44
C THR C 176 2.42 -14.14 -5.58
N LEU C 177 1.78 -15.27 -5.87
CA LEU C 177 0.74 -15.30 -6.89
C LEU C 177 -0.64 -15.25 -6.25
N LEU C 178 -1.58 -14.62 -6.94
CA LEU C 178 -2.99 -14.67 -6.57
C LEU C 178 -3.84 -14.86 -7.81
N VAL C 179 -4.92 -15.62 -7.66
CA VAL C 179 -5.91 -15.82 -8.70
C VAL C 179 -7.28 -15.53 -8.11
N MET C 180 -8.06 -14.72 -8.80
CA MET C 180 -9.32 -14.22 -8.27
C MET C 180 -10.41 -14.32 -9.31
N VAL C 181 -11.66 -14.46 -8.85
CA VAL C 181 -12.80 -14.51 -9.76
C VAL C 181 -13.27 -13.08 -10.02
N LEU C 182 -13.17 -12.66 -11.28
CA LEU C 182 -13.68 -11.34 -11.64
C LEU C 182 -15.20 -11.32 -11.64
N VAL C 183 -15.81 -12.36 -12.21
CA VAL C 183 -17.26 -12.46 -12.30
C VAL C 183 -17.68 -13.88 -11.93
N PRO C 184 -18.80 -14.07 -11.25
CA PRO C 184 -19.18 -15.43 -10.83
C PRO C 184 -19.35 -16.37 -12.01
N LEU C 185 -19.05 -17.64 -11.76
CA LEU C 185 -19.20 -18.66 -12.79
C LEU C 185 -20.67 -18.88 -13.11
N ASP C 186 -20.96 -19.14 -14.39
CA ASP C 186 -22.29 -19.54 -14.78
C ASP C 186 -22.26 -20.07 -16.20
N TYR C 187 -23.21 -20.95 -16.50
CA TYR C 187 -23.36 -21.53 -17.83
C TYR C 187 -24.73 -22.18 -17.89
N LYS C 188 -25.32 -22.19 -19.08
CA LYS C 188 -26.59 -22.88 -19.25
C LYS C 188 -26.43 -24.34 -18.86
N GLU C 189 -27.34 -24.83 -18.04
CA GLU C 189 -27.10 -26.06 -17.29
C GLU C 189 -26.78 -27.22 -18.23
N GLY C 190 -25.83 -28.05 -17.82
CA GLY C 190 -25.38 -29.17 -18.60
C GLY C 190 -24.05 -28.99 -19.30
N ALA C 191 -23.55 -27.76 -19.41
CA ALA C 191 -22.26 -27.53 -20.04
C ALA C 191 -21.13 -27.95 -19.11
N THR C 192 -19.90 -27.69 -19.54
CA THR C 192 -18.72 -28.02 -18.75
C THR C 192 -18.89 -27.50 -17.33
N THR C 193 -18.78 -28.39 -16.34
CA THR C 193 -19.15 -28.04 -14.97
C THR C 193 -17.93 -27.80 -14.11
N ASP C 194 -17.88 -26.61 -13.50
CA ASP C 194 -16.90 -26.25 -12.48
C ASP C 194 -15.50 -26.70 -12.87
N PRO C 195 -14.87 -26.05 -13.85
CA PRO C 195 -13.59 -26.54 -14.37
C PRO C 195 -12.50 -26.46 -13.30
N GLU C 196 -11.55 -27.39 -13.37
CA GLU C 196 -10.41 -27.38 -12.49
C GLU C 196 -9.27 -26.56 -13.10
N ILE C 197 -8.26 -26.30 -12.28
CA ILE C 197 -7.18 -25.39 -12.63
C ILE C 197 -5.84 -26.07 -12.42
N THR C 198 -4.86 -25.66 -13.21
CA THR C 198 -3.49 -26.15 -13.11
C THR C 198 -2.54 -25.01 -13.46
N PHE C 199 -1.30 -25.15 -13.02
CA PHE C 199 -0.33 -24.07 -13.13
C PHE C 199 1.05 -24.65 -13.38
N SER C 200 1.82 -23.96 -14.20
CA SER C 200 3.17 -24.39 -14.56
C SER C 200 4.15 -23.27 -14.27
N VAL C 201 5.40 -23.63 -14.04
CA VAL C 201 6.41 -22.66 -13.62
C VAL C 201 7.76 -23.07 -14.17
N ARG C 202 8.58 -22.05 -14.45
CA ARG C 202 10.00 -22.17 -14.67
C ARG C 202 10.74 -21.02 -13.99
N PRO C 203 11.81 -21.29 -13.26
CA PRO C 203 12.72 -20.21 -12.86
C PRO C 203 13.56 -19.76 -14.05
N THR C 204 14.17 -18.60 -13.91
CA THR C 204 15.02 -18.05 -14.95
C THR C 204 16.30 -17.52 -14.33
N SER C 205 17.44 -17.91 -14.92
CA SER C 205 18.76 -17.53 -14.44
C SER C 205 18.91 -17.76 -12.93
N PRO C 206 18.68 -18.99 -12.46
CA PRO C 206 18.91 -19.28 -11.04
C PRO C 206 20.38 -19.52 -10.75
N TYR C 207 20.82 -19.05 -9.58
CA TYR C 207 22.21 -19.14 -9.18
C TYR C 207 22.27 -19.40 -7.68
N PHE C 208 22.73 -20.59 -7.31
CA PHE C 208 22.84 -20.98 -5.92
C PHE C 208 24.11 -20.43 -5.31
N ASN C 209 24.08 -20.18 -4.00
CA ASN C 209 25.23 -19.68 -3.28
C ASN C 209 25.13 -20.15 -1.83
N GLY C 210 26.20 -19.91 -1.08
CA GLY C 210 26.23 -20.35 0.30
C GLY C 210 26.18 -21.87 0.43
N LEU C 211 26.98 -22.58 -0.36
CA LEU C 211 26.99 -24.03 -0.34
C LEU C 211 27.23 -24.56 1.06
N ARG C 212 26.40 -25.50 1.49
CA ARG C 212 26.60 -26.19 2.75
C ARG C 212 25.69 -27.42 2.77
N ASN C 213 25.74 -28.16 3.87
CA ASN C 213 24.92 -29.36 3.97
C ASN C 213 23.45 -28.98 3.98
N ARG C 214 22.59 -30.00 3.98
CA ARG C 214 21.16 -29.78 3.92
C ARG C 214 20.63 -29.22 5.24
N TYR C 215 20.51 -27.89 5.34
CA TYR C 215 19.69 -27.28 6.37
C TYR C 215 19.95 -27.85 7.76
N THR C 216 21.09 -27.49 8.38
CA THR C 216 21.30 -27.87 9.78
C THR C 216 19.97 -27.75 10.52
N ALA C 217 19.54 -28.86 11.13
CA ALA C 217 18.14 -29.01 11.51
C ALA C 217 17.70 -27.89 12.46
N GLY C 218 16.38 -27.75 12.58
CA GLY C 218 15.80 -26.73 13.43
C GLY C 218 15.62 -27.20 14.87
CA CA D . 23.61 34.49 11.44
#